data_1SET
#
_entry.id   1SET
#
_cell.length_a   86.400
_cell.length_b   126.300
_cell.length_c   62.900
_cell.angle_alpha   90.00
_cell.angle_beta   109.00
_cell.angle_gamma   90.00
#
_symmetry.space_group_name_H-M   'P 1 21 1'
#
loop_
_entity.id
_entity.type
_entity.pdbx_description
1 polymer 'SERYL-tRNA SYNTHETASE'
2 non-polymer "5'-O-(N-(L-SERYL)-SULFAMOYL)ADENOSINE"
3 water water
#
_entity_poly.entity_id   1
_entity_poly.type   'polypeptide(L)'
_entity_poly.pdbx_seq_one_letter_code
;MVDLKRLRQEPEVFHRAIREKGVALDLEALLALDREVQELKKRLQEVQTERNQVAKRVPKAPPEEKEALIARGKALGEEA
KRLEEALREKEARLEALLLQVPLPPWPGAPVGGEEANREIKRVGGPPEFSFPPLDHVALMEKNGWWEPRISQVSGSRSYA
LKGDLALYELALLRFAMDFMARRGFLPMTLPSYAREKAFLGTGHFPAYRDQVWAIAETDLYLTGTAEVVLNALHSGEILP
YEALPLRYAGYAPAFRSEAGSFGKDVRGLMRVHQFHKVEQYVLTEASLEASDRAFQELLENAEEILRLLELPYRLVEVAT
GDMGPGKWRQVDIEVYLPSEGRYRETHSCSALLDWQARRANLRYRDPEGRVRYAYTLNNTALATPRILAMLLENHQLQDG
RVRVPQALIPYMGKEVLEPCG
;
_entity_poly.pdbx_strand_id   A,B
#
loop_
_chem_comp.id
_chem_comp.type
_chem_comp.name
_chem_comp.formula
SSA non-polymer 5'-O-(N-(L-SERYL)-SULFAMOYL)ADENOSINE 'C13 H19 N7 O8 S'
#
# COMPACT_ATOMS: atom_id res chain seq x y z
N MET A 1 -18.83 -12.93 -15.19
CA MET A 1 -19.02 -13.71 -16.37
C MET A 1 -20.00 -14.84 -16.14
N VAL A 2 -21.07 -14.83 -16.91
CA VAL A 2 -22.04 -15.92 -16.83
C VAL A 2 -21.82 -16.86 -18.02
N ASP A 3 -22.36 -18.06 -17.93
CA ASP A 3 -22.33 -18.99 -19.03
C ASP A 3 -23.22 -18.50 -20.17
N LEU A 4 -22.69 -18.14 -21.33
CA LEU A 4 -23.48 -17.66 -22.46
C LEU A 4 -24.53 -18.68 -22.91
N LYS A 5 -24.28 -19.98 -22.84
CA LYS A 5 -25.27 -21.01 -23.17
C LYS A 5 -26.46 -20.95 -22.20
N ARG A 6 -26.28 -20.61 -20.92
CA ARG A 6 -27.39 -20.54 -19.98
C ARG A 6 -28.04 -19.17 -20.10
N LEU A 7 -27.27 -18.16 -20.48
CA LEU A 7 -27.77 -16.82 -20.67
C LEU A 7 -28.84 -16.88 -21.71
N ARG A 8 -28.55 -17.46 -22.86
CA ARG A 8 -29.58 -17.50 -23.86
C ARG A 8 -30.49 -18.72 -23.73
N GLN A 9 -30.26 -19.75 -22.91
CA GLN A 9 -31.26 -20.81 -22.70
C GLN A 9 -32.19 -20.35 -21.59
N GLU A 10 -31.84 -19.38 -20.74
CA GLU A 10 -32.69 -18.94 -19.64
C GLU A 10 -32.74 -17.43 -19.48
N PRO A 11 -32.96 -16.60 -20.50
CA PRO A 11 -32.91 -15.14 -20.41
C PRO A 11 -33.82 -14.56 -19.33
N GLU A 12 -34.96 -15.20 -19.02
CA GLU A 12 -35.91 -14.71 -18.03
C GLU A 12 -35.25 -14.60 -16.66
N VAL A 13 -34.35 -15.53 -16.28
CA VAL A 13 -33.72 -15.44 -14.97
C VAL A 13 -32.72 -14.32 -14.91
N PHE A 14 -31.99 -14.07 -16.00
CA PHE A 14 -31.01 -13.00 -16.01
C PHE A 14 -31.75 -11.70 -16.12
N HIS A 15 -32.97 -11.69 -16.65
CA HIS A 15 -33.69 -10.45 -16.73
C HIS A 15 -34.17 -10.10 -15.33
N ARG A 16 -34.69 -11.08 -14.60
CA ARG A 16 -35.13 -10.91 -13.22
C ARG A 16 -33.95 -10.41 -12.35
N ALA A 17 -32.83 -11.11 -12.39
CA ALA A 17 -31.58 -10.77 -11.73
C ALA A 17 -31.04 -9.39 -12.10
N ILE A 18 -31.13 -8.93 -13.36
CA ILE A 18 -30.70 -7.57 -13.72
C ILE A 18 -31.61 -6.57 -13.01
N ARG A 19 -32.91 -6.86 -12.89
CA ARG A 19 -33.86 -5.98 -12.21
C ARG A 19 -33.60 -6.06 -10.71
N GLU A 20 -33.72 -7.21 -10.04
CA GLU A 20 -33.50 -7.32 -8.61
C GLU A 20 -32.14 -6.79 -8.12
N LYS A 21 -31.06 -6.82 -8.91
CA LYS A 21 -29.75 -6.37 -8.46
C LYS A 21 -29.45 -4.94 -8.85
N GLY A 22 -30.44 -4.25 -9.44
CA GLY A 22 -30.28 -2.88 -9.90
C GLY A 22 -29.17 -2.74 -10.90
N VAL A 23 -28.99 -3.64 -11.88
CA VAL A 23 -27.89 -3.51 -12.82
C VAL A 23 -28.49 -2.80 -14.01
N ALA A 24 -27.65 -1.90 -14.48
CA ALA A 24 -27.93 -1.06 -15.63
C ALA A 24 -27.51 -1.79 -16.91
N LEU A 25 -28.26 -2.83 -17.25
CA LEU A 25 -27.95 -3.61 -18.43
C LEU A 25 -29.24 -3.83 -19.22
N ASP A 26 -29.19 -3.53 -20.52
CA ASP A 26 -30.30 -3.84 -21.41
C ASP A 26 -30.05 -5.29 -21.84
N LEU A 27 -30.68 -6.30 -21.22
CA LEU A 27 -30.43 -7.65 -21.67
C LEU A 27 -30.88 -7.89 -23.11
N GLU A 28 -31.93 -7.20 -23.58
CA GLU A 28 -32.49 -7.45 -24.91
C GLU A 28 -31.47 -7.10 -26.00
N ALA A 29 -30.78 -6.00 -25.86
CA ALA A 29 -29.75 -5.61 -26.82
C ALA A 29 -28.51 -6.50 -26.76
N LEU A 30 -28.21 -7.05 -25.57
CA LEU A 30 -27.04 -7.91 -25.40
C LEU A 30 -27.34 -9.18 -26.17
N LEU A 31 -28.54 -9.74 -25.93
CA LEU A 31 -28.95 -10.96 -26.59
C LEU A 31 -29.06 -10.83 -28.10
N ALA A 32 -29.47 -9.66 -28.61
CA ALA A 32 -29.51 -9.37 -30.04
C ALA A 32 -28.12 -9.31 -30.64
N LEU A 33 -27.18 -8.63 -29.98
CA LEU A 33 -25.80 -8.50 -30.45
C LEU A 33 -25.13 -9.86 -30.50
N ASP A 34 -25.53 -10.70 -29.55
CA ASP A 34 -25.10 -12.07 -29.51
C ASP A 34 -25.63 -12.84 -30.72
N ARG A 35 -26.93 -12.78 -31.08
CA ARG A 35 -27.47 -13.41 -32.29
C ARG A 35 -26.70 -12.90 -33.51
N GLU A 36 -26.44 -11.58 -33.61
CA GLU A 36 -25.64 -11.03 -34.70
C GLU A 36 -24.28 -11.68 -34.76
N VAL A 37 -23.42 -11.61 -33.74
CA VAL A 37 -22.10 -12.23 -33.77
C VAL A 37 -22.18 -13.73 -34.14
N GLN A 38 -23.14 -14.48 -33.60
CA GLN A 38 -23.27 -15.90 -33.92
C GLN A 38 -23.69 -16.16 -35.36
N GLU A 39 -24.58 -15.33 -35.96
CA GLU A 39 -24.96 -15.44 -37.36
C GLU A 39 -23.85 -15.00 -38.31
N LEU A 40 -23.08 -13.96 -37.99
CA LEU A 40 -21.93 -13.56 -38.77
C LEU A 40 -20.90 -14.67 -38.80
N LYS A 41 -20.64 -15.34 -37.66
CA LYS A 41 -19.74 -16.51 -37.61
C LYS A 41 -20.18 -17.64 -38.52
N LYS A 42 -21.47 -18.02 -38.51
CA LYS A 42 -21.94 -19.07 -39.37
C LYS A 42 -21.82 -18.64 -40.84
N ARG A 43 -22.28 -17.44 -41.19
CA ARG A 43 -22.18 -16.90 -42.54
C ARG A 43 -20.75 -16.82 -43.03
N LEU A 44 -19.78 -16.19 -42.38
CA LEU A 44 -18.39 -16.16 -42.80
C LEU A 44 -17.76 -17.56 -42.91
N GLN A 45 -18.25 -18.56 -42.16
CA GLN A 45 -17.84 -19.94 -42.37
C GLN A 45 -18.44 -20.42 -43.68
N GLU A 46 -19.74 -20.23 -43.99
CA GLU A 46 -20.32 -20.61 -45.27
C GLU A 46 -19.65 -19.87 -46.42
N VAL A 47 -19.24 -18.59 -46.33
CA VAL A 47 -18.62 -18.00 -47.50
C VAL A 47 -17.21 -18.54 -47.47
N GLN A 48 -16.48 -18.73 -46.37
CA GLN A 48 -15.12 -19.28 -46.44
C GLN A 48 -15.03 -20.67 -47.10
N THR A 49 -16.02 -21.53 -46.82
CA THR A 49 -16.17 -22.86 -47.41
C THR A 49 -16.29 -22.68 -48.94
N GLU A 50 -17.30 -21.92 -49.37
CA GLU A 50 -17.60 -21.72 -50.78
C GLU A 50 -16.50 -20.97 -51.51
N ARG A 51 -15.84 -20.05 -50.84
CA ARG A 51 -14.75 -19.22 -51.37
C ARG A 51 -13.58 -20.12 -51.75
N ASN A 52 -13.30 -21.05 -50.83
CA ASN A 52 -12.26 -22.06 -50.98
C ASN A 52 -12.56 -22.85 -52.25
N GLN A 53 -13.73 -23.48 -52.43
CA GLN A 53 -14.05 -24.22 -53.65
C GLN A 53 -14.00 -23.36 -54.92
N VAL A 54 -14.53 -22.14 -54.94
CA VAL A 54 -14.46 -21.31 -56.14
C VAL A 54 -12.99 -21.10 -56.55
N ALA A 55 -12.15 -20.74 -55.58
CA ALA A 55 -10.72 -20.52 -55.83
C ALA A 55 -10.03 -21.76 -56.37
N LYS A 56 -10.38 -22.93 -55.84
CA LYS A 56 -9.78 -24.18 -56.30
C LYS A 56 -10.28 -24.59 -57.68
N ARG A 57 -11.56 -24.32 -57.97
CA ARG A 57 -12.15 -24.75 -59.23
C ARG A 57 -11.84 -23.84 -60.41
N VAL A 58 -11.64 -22.53 -60.23
CA VAL A 58 -11.38 -21.67 -61.38
C VAL A 58 -10.17 -22.03 -62.26
N PRO A 59 -9.03 -22.63 -61.86
CA PRO A 59 -8.03 -23.14 -62.80
C PRO A 59 -8.47 -24.27 -63.73
N LYS A 60 -9.65 -24.88 -63.52
CA LYS A 60 -10.10 -25.97 -64.35
C LYS A 60 -11.41 -25.61 -65.07
N ALA A 61 -11.92 -24.39 -64.89
CA ALA A 61 -13.21 -24.05 -65.45
C ALA A 61 -13.16 -23.60 -66.92
N PRO A 62 -13.98 -24.18 -67.82
CA PRO A 62 -14.06 -23.79 -69.22
C PRO A 62 -14.56 -22.36 -69.46
N PRO A 63 -14.06 -21.60 -70.45
CA PRO A 63 -14.25 -20.15 -70.62
C PRO A 63 -15.49 -19.44 -70.07
N GLU A 64 -16.70 -19.70 -70.56
CA GLU A 64 -17.91 -19.08 -70.05
C GLU A 64 -18.05 -19.32 -68.55
N GLU A 65 -17.83 -20.56 -68.17
CA GLU A 65 -17.93 -20.95 -66.77
C GLU A 65 -16.71 -20.47 -65.98
N LYS A 66 -15.52 -20.20 -66.55
CA LYS A 66 -14.43 -19.68 -65.75
C LYS A 66 -14.84 -18.27 -65.32
N GLU A 67 -15.55 -17.53 -66.18
CA GLU A 67 -15.99 -16.17 -65.87
C GLU A 67 -17.06 -16.09 -64.78
N ALA A 68 -18.05 -16.97 -64.75
CA ALA A 68 -19.07 -16.98 -63.71
C ALA A 68 -18.49 -17.24 -62.32
N LEU A 69 -17.61 -18.24 -62.21
CA LEU A 69 -16.95 -18.57 -60.96
C LEU A 69 -15.99 -17.47 -60.52
N ILE A 70 -15.19 -16.83 -61.38
CA ILE A 70 -14.35 -15.69 -61.01
C ILE A 70 -15.19 -14.60 -60.37
N ALA A 71 -16.32 -14.30 -60.98
CA ALA A 71 -17.23 -13.27 -60.50
C ALA A 71 -17.85 -13.63 -59.16
N ARG A 72 -18.27 -14.85 -59.01
CA ARG A 72 -18.79 -15.29 -57.74
C ARG A 72 -17.71 -15.26 -56.65
N GLY A 73 -16.48 -15.71 -56.93
CA GLY A 73 -15.39 -15.71 -55.96
C GLY A 73 -15.02 -14.29 -55.59
N LYS A 74 -15.13 -13.36 -56.53
CA LYS A 74 -14.88 -11.95 -56.26
C LYS A 74 -15.98 -11.44 -55.31
N ALA A 75 -17.24 -11.79 -55.61
CA ALA A 75 -18.38 -11.45 -54.77
C ALA A 75 -18.26 -12.02 -53.36
N LEU A 76 -17.81 -13.26 -53.22
CA LEU A 76 -17.60 -13.88 -51.93
C LEU A 76 -16.41 -13.25 -51.23
N GLY A 77 -15.48 -12.70 -52.03
CA GLY A 77 -14.29 -12.01 -51.52
C GLY A 77 -14.67 -10.75 -50.79
N GLU A 78 -15.44 -9.86 -51.43
CA GLU A 78 -15.91 -8.64 -50.78
C GLU A 78 -16.79 -8.96 -49.58
N GLU A 79 -17.70 -9.93 -49.70
CA GLU A 79 -18.56 -10.26 -48.59
C GLU A 79 -17.76 -10.68 -47.36
N ALA A 80 -16.80 -11.60 -47.51
CA ALA A 80 -16.00 -12.05 -46.39
C ALA A 80 -15.29 -10.90 -45.70
N LYS A 81 -14.75 -9.95 -46.45
CA LYS A 81 -14.11 -8.76 -45.91
C LYS A 81 -15.10 -7.92 -45.10
N ARG A 82 -16.34 -7.77 -45.56
CA ARG A 82 -17.37 -7.07 -44.82
C ARG A 82 -17.78 -7.87 -43.58
N LEU A 83 -17.87 -9.22 -43.60
CA LEU A 83 -18.28 -9.98 -42.43
C LEU A 83 -17.19 -9.93 -41.36
N GLU A 84 -15.91 -9.91 -41.74
CA GLU A 84 -14.80 -9.78 -40.80
C GLU A 84 -14.80 -8.45 -40.05
N GLU A 85 -14.95 -7.27 -40.67
CA GLU A 85 -15.04 -6.00 -39.93
C GLU A 85 -16.27 -5.96 -39.00
N ALA A 86 -17.43 -6.49 -39.40
CA ALA A 86 -18.61 -6.47 -38.56
C ALA A 86 -18.39 -7.38 -37.35
N LEU A 87 -17.92 -8.61 -37.53
CA LEU A 87 -17.66 -9.51 -36.43
C LEU A 87 -16.72 -8.91 -35.41
N ARG A 88 -15.61 -8.32 -35.86
CA ARG A 88 -14.65 -7.70 -34.97
C ARG A 88 -15.29 -6.59 -34.14
N GLU A 89 -16.07 -5.67 -34.72
CA GLU A 89 -16.70 -4.61 -33.97
C GLU A 89 -17.76 -5.15 -33.04
N LYS A 90 -18.60 -6.05 -33.53
CA LYS A 90 -19.71 -6.51 -32.76
C LYS A 90 -19.26 -7.35 -31.60
N GLU A 91 -18.24 -8.19 -31.81
CA GLU A 91 -17.73 -9.05 -30.76
C GLU A 91 -17.18 -8.21 -29.60
N ALA A 92 -16.39 -7.17 -29.88
CA ALA A 92 -15.85 -6.28 -28.88
C ALA A 92 -16.96 -5.62 -28.07
N ARG A 93 -18.01 -5.05 -28.68
CA ARG A 93 -19.14 -4.50 -27.93
C ARG A 93 -19.75 -5.65 -27.12
N LEU A 94 -19.90 -6.89 -27.61
CA LEU A 94 -20.49 -7.95 -26.82
C LEU A 94 -19.64 -8.40 -25.62
N GLU A 95 -18.29 -8.47 -25.67
CA GLU A 95 -17.43 -8.84 -24.52
C GLU A 95 -17.57 -7.76 -23.46
N ALA A 96 -17.57 -6.48 -23.81
CA ALA A 96 -17.81 -5.42 -22.85
C ALA A 96 -19.18 -5.58 -22.20
N LEU A 97 -20.20 -6.09 -22.88
CA LEU A 97 -21.52 -6.28 -22.29
C LEU A 97 -21.59 -7.48 -21.40
N LEU A 98 -20.93 -8.59 -21.73
CA LEU A 98 -20.94 -9.82 -20.92
C LEU A 98 -20.33 -9.67 -19.53
N LEU A 99 -19.34 -8.78 -19.45
CA LEU A 99 -18.70 -8.42 -18.19
C LEU A 99 -19.61 -7.71 -17.18
N GLN A 100 -20.83 -7.34 -17.55
CA GLN A 100 -21.76 -6.64 -16.68
C GLN A 100 -22.96 -7.44 -16.29
N VAL A 101 -23.07 -8.64 -16.86
CA VAL A 101 -24.20 -9.48 -16.59
C VAL A 101 -23.99 -10.07 -15.20
N PRO A 102 -25.03 -9.93 -14.35
CA PRO A 102 -25.02 -10.36 -12.98
C PRO A 102 -25.34 -11.83 -12.83
N LEU A 103 -24.92 -12.40 -11.72
CA LEU A 103 -25.26 -13.77 -11.39
C LEU A 103 -26.67 -13.71 -10.75
N PRO A 104 -27.60 -14.67 -10.90
CA PRO A 104 -28.84 -14.70 -10.15
C PRO A 104 -28.65 -14.73 -8.64
N PRO A 105 -29.34 -13.93 -7.84
CA PRO A 105 -29.28 -14.06 -6.40
C PRO A 105 -29.84 -15.38 -5.93
N TRP A 106 -29.40 -15.94 -4.80
CA TRP A 106 -30.00 -17.16 -4.30
C TRP A 106 -31.45 -16.84 -3.98
N PRO A 107 -32.42 -17.75 -4.13
CA PRO A 107 -33.84 -17.52 -3.88
C PRO A 107 -34.20 -16.94 -2.50
N GLY A 108 -33.52 -17.22 -1.38
CA GLY A 108 -33.87 -16.62 -0.11
C GLY A 108 -33.30 -15.21 0.13
N ALA A 109 -32.69 -14.49 -0.81
CA ALA A 109 -32.11 -13.18 -0.52
C ALA A 109 -33.27 -12.23 -0.58
N PRO A 110 -33.53 -11.36 0.39
CA PRO A 110 -34.51 -10.30 0.28
C PRO A 110 -34.33 -9.48 -0.98
N VAL A 111 -35.42 -9.05 -1.61
CA VAL A 111 -35.35 -8.26 -2.82
C VAL A 111 -35.48 -6.78 -2.48
N GLY A 112 -34.57 -5.98 -2.98
CA GLY A 112 -34.61 -4.57 -2.74
C GLY A 112 -33.20 -4.17 -2.45
N GLY A 113 -33.02 -2.93 -2.06
CA GLY A 113 -31.70 -2.40 -1.75
C GLY A 113 -31.43 -2.68 -0.29
N GLU A 114 -30.42 -1.98 0.24
CA GLU A 114 -29.92 -2.01 1.62
C GLU A 114 -30.97 -2.05 2.73
N GLU A 115 -32.06 -1.39 2.41
CA GLU A 115 -33.21 -1.26 3.26
C GLU A 115 -33.88 -2.60 3.55
N ALA A 116 -33.83 -3.49 2.55
CA ALA A 116 -34.43 -4.79 2.69
C ALA A 116 -33.54 -5.86 3.36
N ASN A 117 -32.32 -5.53 3.84
CA ASN A 117 -31.41 -6.48 4.45
C ASN A 117 -31.97 -7.06 5.73
N ARG A 118 -31.94 -8.37 6.00
CA ARG A 118 -32.65 -8.84 7.17
C ARG A 118 -31.72 -9.37 8.21
N GLU A 119 -31.98 -9.10 9.46
CA GLU A 119 -31.17 -9.67 10.49
C GLU A 119 -31.63 -11.09 10.63
N ILE A 120 -30.68 -12.00 10.66
CA ILE A 120 -30.92 -13.40 10.81
C ILE A 120 -30.96 -13.66 12.30
N LYS A 121 -29.98 -13.21 13.10
CA LYS A 121 -29.95 -13.50 14.53
C LYS A 121 -28.98 -12.56 15.18
N ARG A 122 -28.94 -12.42 16.50
CA ARG A 122 -27.94 -11.59 17.14
C ARG A 122 -27.53 -12.46 18.29
N VAL A 123 -26.24 -12.39 18.58
CA VAL A 123 -25.61 -13.19 19.61
C VAL A 123 -24.96 -12.17 20.52
N GLY A 124 -25.09 -12.36 21.82
CA GLY A 124 -24.53 -11.44 22.79
C GLY A 124 -25.36 -10.19 23.03
N GLY A 125 -25.25 -9.72 24.27
CA GLY A 125 -25.99 -8.54 24.68
C GLY A 125 -25.11 -7.29 24.56
N PRO A 126 -25.67 -6.08 24.32
CA PRO A 126 -25.02 -4.78 24.48
C PRO A 126 -24.40 -4.56 25.87
N PRO A 127 -23.20 -4.01 26.03
CA PRO A 127 -22.59 -3.78 27.34
C PRO A 127 -23.41 -2.86 28.27
N GLU A 128 -23.31 -3.14 29.57
CA GLU A 128 -24.01 -2.38 30.61
C GLU A 128 -22.94 -1.55 31.29
N PHE A 129 -23.02 -0.24 31.37
CA PHE A 129 -21.89 0.46 31.95
C PHE A 129 -22.25 1.08 33.29
N SER A 130 -21.36 1.04 34.28
CA SER A 130 -21.59 1.70 35.55
C SER A 130 -21.31 3.20 35.45
N PHE A 131 -21.18 3.77 34.26
CA PHE A 131 -20.72 5.13 34.09
C PHE A 131 -21.17 5.49 32.70
N PRO A 132 -21.09 6.74 32.25
CA PRO A 132 -21.38 7.09 30.85
C PRO A 132 -20.21 6.73 29.93
N PRO A 133 -20.38 5.78 29.01
CA PRO A 133 -19.33 5.30 28.14
C PRO A 133 -18.82 6.39 27.22
N LEU A 134 -17.51 6.46 27.03
CA LEU A 134 -16.97 7.37 26.05
C LEU A 134 -17.05 6.73 24.68
N ASP A 135 -17.00 7.49 23.60
CA ASP A 135 -16.94 6.84 22.32
C ASP A 135 -15.50 6.51 21.98
N HIS A 136 -15.17 5.81 20.92
CA HIS A 136 -13.77 5.40 20.74
C HIS A 136 -12.85 6.56 20.36
N VAL A 137 -13.31 7.68 19.78
CA VAL A 137 -12.42 8.79 19.48
C VAL A 137 -12.05 9.48 20.81
N ALA A 138 -12.96 9.58 21.77
CA ALA A 138 -12.68 10.14 23.07
C ALA A 138 -11.74 9.27 23.84
N LEU A 139 -11.89 7.96 23.77
CA LEU A 139 -10.95 7.10 24.46
C LEU A 139 -9.58 7.21 23.82
N MET A 140 -9.48 7.46 22.55
CA MET A 140 -8.20 7.57 21.95
C MET A 140 -7.57 8.90 22.28
N GLU A 141 -8.38 9.97 22.31
CA GLU A 141 -7.95 11.34 22.62
C GLU A 141 -7.49 11.40 24.06
N LYS A 142 -8.19 10.81 24.99
CA LYS A 142 -7.88 10.82 26.39
C LYS A 142 -6.62 10.05 26.70
N ASN A 143 -6.48 8.87 26.10
CA ASN A 143 -5.35 8.00 26.42
C ASN A 143 -4.14 8.23 25.55
N GLY A 144 -4.22 9.16 24.61
CA GLY A 144 -3.11 9.38 23.72
C GLY A 144 -2.87 8.20 22.78
N TRP A 145 -3.90 7.47 22.28
CA TRP A 145 -3.70 6.28 21.45
C TRP A 145 -3.73 6.51 19.96
N TRP A 146 -3.86 7.72 19.45
CA TRP A 146 -3.74 7.91 18.04
C TRP A 146 -3.04 9.23 17.87
N GLU A 147 -2.68 9.56 16.64
CA GLU A 147 -1.98 10.74 16.32
C GLU A 147 -2.75 11.62 15.32
N PRO A 148 -3.54 12.62 15.77
CA PRO A 148 -4.28 13.53 14.88
C PRO A 148 -3.41 14.27 13.86
N ARG A 149 -2.09 14.44 14.08
CA ARG A 149 -1.26 15.21 13.13
C ARG A 149 -1.11 14.54 11.78
N ILE A 150 -1.46 13.23 11.73
CA ILE A 150 -1.36 12.50 10.50
C ILE A 150 -2.21 13.14 9.41
N SER A 151 -3.33 13.80 9.71
CA SER A 151 -4.14 14.46 8.71
C SER A 151 -3.39 15.54 7.94
N GLN A 152 -2.36 16.18 8.51
CA GLN A 152 -1.64 17.21 7.76
C GLN A 152 -0.62 16.54 6.84
N VAL A 153 -0.11 15.38 7.25
CA VAL A 153 0.87 14.68 6.45
C VAL A 153 0.20 13.97 5.28
N SER A 154 -0.88 13.27 5.60
CA SER A 154 -1.53 12.39 4.66
C SER A 154 -2.92 12.74 4.16
N GLY A 155 -3.61 13.74 4.69
CA GLY A 155 -4.96 14.04 4.25
C GLY A 155 -6.00 13.38 5.18
N SER A 156 -7.27 13.49 4.78
CA SER A 156 -8.36 12.98 5.60
C SER A 156 -8.46 11.49 5.36
N ARG A 157 -9.01 10.77 6.33
CA ARG A 157 -9.21 9.35 6.29
C ARG A 157 -7.94 8.51 6.41
N SER A 158 -7.09 9.03 7.26
CA SER A 158 -5.82 8.50 7.59
C SER A 158 -5.94 8.21 9.06
N TYR A 159 -5.12 7.34 9.64
CA TYR A 159 -5.10 7.13 11.07
C TYR A 159 -3.66 6.76 11.38
N ALA A 160 -3.20 7.01 12.59
CA ALA A 160 -1.85 6.71 12.99
C ALA A 160 -2.11 6.28 14.41
N LEU A 161 -1.76 5.10 14.86
CA LEU A 161 -2.11 4.66 16.20
C LEU A 161 -0.83 4.72 16.96
N LYS A 162 -0.92 4.89 18.27
CA LYS A 162 0.24 5.11 19.11
C LYS A 162 0.20 4.28 20.35
N GLY A 163 1.35 3.89 20.87
CA GLY A 163 1.46 3.21 22.16
C GLY A 163 0.80 1.87 22.20
N ASP A 164 0.08 1.52 23.27
CA ASP A 164 -0.59 0.24 23.38
C ASP A 164 -1.59 -0.03 22.31
N LEU A 165 -2.32 0.96 21.79
CA LEU A 165 -3.24 0.72 20.71
C LEU A 165 -2.45 0.39 19.45
N ALA A 166 -1.23 0.86 19.13
CA ALA A 166 -0.52 0.48 17.90
C ALA A 166 -0.22 -1.01 18.03
N LEU A 167 0.45 -1.43 19.09
CA LEU A 167 0.69 -2.79 19.44
C LEU A 167 -0.58 -3.64 19.48
N TYR A 168 -1.75 -3.21 19.94
CA TYR A 168 -2.98 -4.01 19.91
C TYR A 168 -3.34 -4.23 18.43
N GLU A 169 -3.15 -3.28 17.49
CA GLU A 169 -3.45 -3.49 16.10
C GLU A 169 -2.61 -4.65 15.54
N LEU A 170 -1.31 -4.72 15.84
CA LEU A 170 -0.49 -5.78 15.34
C LEU A 170 -0.88 -7.11 15.93
N ALA A 171 -1.26 -7.11 17.21
CA ALA A 171 -1.64 -8.33 17.89
C ALA A 171 -2.90 -8.95 17.32
N LEU A 172 -3.92 -8.17 16.95
CA LEU A 172 -5.17 -8.62 16.40
C LEU A 172 -4.92 -9.25 15.04
N LEU A 173 -4.15 -8.62 14.17
CA LEU A 173 -3.72 -9.21 12.92
C LEU A 173 -2.96 -10.53 13.14
N ARG A 174 -2.04 -10.69 14.09
CA ARG A 174 -1.37 -11.95 14.27
C ARG A 174 -2.34 -13.02 14.80
N PHE A 175 -3.20 -12.72 15.78
CA PHE A 175 -4.19 -13.63 16.30
C PHE A 175 -5.12 -14.13 15.21
N ALA A 176 -5.60 -13.34 14.25
CA ALA A 176 -6.50 -13.80 13.23
C ALA A 176 -5.73 -14.72 12.30
N MET A 177 -4.47 -14.43 11.87
CA MET A 177 -3.63 -15.39 11.10
C MET A 177 -3.49 -16.69 11.87
N ASP A 178 -3.18 -16.71 13.17
CA ASP A 178 -3.07 -17.95 13.92
C ASP A 178 -4.40 -18.64 14.09
N PHE A 179 -5.50 -17.96 14.27
CA PHE A 179 -6.78 -18.60 14.36
C PHE A 179 -7.06 -19.30 13.02
N MET A 180 -6.90 -18.62 11.89
CA MET A 180 -7.11 -19.17 10.56
C MET A 180 -6.19 -20.34 10.25
N ALA A 181 -4.90 -20.28 10.57
CA ALA A 181 -4.00 -21.41 10.39
C ALA A 181 -4.43 -22.56 11.29
N ARG A 182 -5.04 -22.34 12.45
CA ARG A 182 -5.52 -23.43 13.29
C ARG A 182 -6.83 -23.97 12.71
N ARG A 183 -7.55 -23.26 11.84
CA ARG A 183 -8.79 -23.78 11.28
C ARG A 183 -8.56 -24.43 9.91
N GLY A 184 -7.32 -24.80 9.62
CA GLY A 184 -6.93 -25.43 8.37
C GLY A 184 -6.74 -24.50 7.22
N PHE A 185 -6.63 -23.19 7.34
CA PHE A 185 -6.46 -22.39 6.15
C PHE A 185 -4.99 -22.10 6.00
N LEU A 186 -4.46 -22.00 4.80
CA LEU A 186 -3.06 -21.75 4.57
C LEU A 186 -2.72 -20.26 4.72
N PRO A 187 -1.84 -19.85 5.67
CA PRO A 187 -1.40 -18.48 5.89
C PRO A 187 -0.60 -17.92 4.75
N MET A 188 -0.86 -16.74 4.20
CA MET A 188 -0.01 -16.18 3.19
C MET A 188 0.13 -14.70 3.53
N THR A 189 1.26 -14.06 3.25
CA THR A 189 1.34 -12.63 3.37
C THR A 189 1.53 -12.13 1.93
N LEU A 190 0.76 -11.12 1.52
CA LEU A 190 0.60 -10.80 0.11
C LEU A 190 0.95 -9.39 -0.26
N PRO A 191 1.20 -9.07 -1.53
CA PRO A 191 1.23 -7.72 -1.99
C PRO A 191 -0.13 -7.02 -1.91
N SER A 192 -0.11 -5.68 -2.08
CA SER A 192 -1.31 -4.82 -2.19
C SER A 192 -1.45 -4.14 -3.53
N TYR A 193 -0.74 -4.57 -4.58
CA TYR A 193 -0.90 -3.98 -5.91
C TYR A 193 -1.03 -5.18 -6.86
N ALA A 194 -1.66 -5.08 -8.03
CA ALA A 194 -1.90 -6.20 -8.91
C ALA A 194 -2.15 -5.65 -10.28
N ARG A 195 -2.17 -6.49 -11.31
CA ARG A 195 -2.49 -5.95 -12.61
C ARG A 195 -3.98 -5.95 -12.80
N GLU A 196 -4.40 -5.17 -13.79
CA GLU A 196 -5.79 -5.01 -14.18
C GLU A 196 -6.59 -6.32 -14.24
N LYS A 197 -5.92 -7.30 -14.84
CA LYS A 197 -6.43 -8.64 -15.06
C LYS A 197 -6.92 -9.29 -13.78
N ALA A 198 -6.25 -9.00 -12.67
CA ALA A 198 -6.72 -9.56 -11.41
C ALA A 198 -8.01 -8.86 -10.90
N PHE A 199 -8.24 -7.57 -11.24
CA PHE A 199 -9.42 -6.88 -10.78
C PHE A 199 -10.60 -7.32 -11.60
N LEU A 200 -10.46 -7.46 -12.90
CA LEU A 200 -11.48 -8.08 -13.75
C LEU A 200 -11.80 -9.49 -13.25
N GLY A 201 -10.85 -10.28 -12.77
CA GLY A 201 -11.15 -11.60 -12.31
C GLY A 201 -12.06 -11.68 -11.11
N THR A 202 -12.07 -10.71 -10.20
CA THR A 202 -12.95 -10.78 -9.03
C THR A 202 -14.30 -10.13 -9.31
N GLY A 203 -14.31 -9.28 -10.29
CA GLY A 203 -15.48 -8.48 -10.53
C GLY A 203 -15.29 -7.04 -10.10
N HIS A 204 -14.16 -6.70 -9.43
CA HIS A 204 -13.96 -5.32 -8.98
C HIS A 204 -13.89 -4.48 -10.22
N PHE A 205 -13.42 -4.95 -11.38
CA PHE A 205 -13.50 -4.16 -12.63
C PHE A 205 -14.47 -4.94 -13.53
N PRO A 206 -15.35 -4.29 -14.30
CA PRO A 206 -15.45 -2.83 -14.43
C PRO A 206 -16.26 -2.07 -13.37
N ALA A 207 -17.21 -2.75 -12.74
CA ALA A 207 -18.16 -2.13 -11.84
C ALA A 207 -17.65 -1.26 -10.69
N TYR A 208 -16.56 -1.63 -9.99
CA TYR A 208 -16.10 -0.84 -8.89
C TYR A 208 -14.82 -0.16 -9.28
N ARG A 209 -14.51 0.23 -10.53
CA ARG A 209 -13.21 0.82 -10.84
C ARG A 209 -12.93 2.10 -10.08
N ASP A 210 -13.89 2.97 -9.84
CA ASP A 210 -13.69 4.23 -9.12
C ASP A 210 -13.26 4.00 -7.66
N GLN A 211 -13.49 2.81 -7.09
CA GLN A 211 -13.11 2.46 -5.73
C GLN A 211 -11.66 2.01 -5.57
N VAL A 212 -10.85 2.11 -6.63
CA VAL A 212 -9.53 1.52 -6.66
C VAL A 212 -8.55 2.61 -6.99
N TRP A 213 -7.51 2.75 -6.19
CA TRP A 213 -6.41 3.67 -6.49
C TRP A 213 -5.44 3.02 -7.47
N ALA A 214 -5.00 3.74 -8.47
CA ALA A 214 -4.05 3.27 -9.46
C ALA A 214 -2.63 3.81 -9.21
N ILE A 215 -1.56 3.10 -9.48
CA ILE A 215 -0.26 3.64 -9.23
C ILE A 215 0.12 4.33 -10.53
N ALA A 216 0.28 5.65 -10.57
CA ALA A 216 0.58 6.37 -11.80
C ALA A 216 1.81 5.88 -12.52
N GLU A 217 1.85 5.95 -13.86
CA GLU A 217 3.06 5.61 -14.65
C GLU A 217 3.46 4.13 -14.54
N THR A 218 2.46 3.27 -14.49
CA THR A 218 2.61 1.86 -14.19
C THR A 218 1.33 1.20 -14.70
N ASP A 219 1.28 -0.14 -14.78
CA ASP A 219 0.07 -0.84 -15.17
C ASP A 219 -0.49 -1.56 -13.96
N LEU A 220 -0.26 -1.03 -12.76
CA LEU A 220 -0.62 -1.64 -11.48
C LEU A 220 -1.63 -0.82 -10.69
N TYR A 221 -2.38 -1.42 -9.75
CA TYR A 221 -3.46 -0.78 -9.00
C TYR A 221 -3.33 -1.32 -7.61
N LEU A 222 -3.76 -0.57 -6.60
CA LEU A 222 -3.63 -1.00 -5.24
C LEU A 222 -4.90 -1.78 -5.01
N THR A 223 -4.85 -2.86 -4.24
CA THR A 223 -5.94 -3.75 -4.04
C THR A 223 -6.70 -3.29 -2.81
N GLY A 224 -8.02 -3.31 -2.92
CA GLY A 224 -8.87 -2.94 -1.82
C GLY A 224 -9.03 -4.11 -0.91
N THR A 225 -8.62 -5.30 -1.29
CA THR A 225 -8.79 -6.52 -0.49
C THR A 225 -7.83 -7.55 -1.05
N ALA A 226 -7.40 -8.45 -0.18
CA ALA A 226 -6.53 -9.56 -0.56
C ALA A 226 -7.23 -10.52 -1.53
N GLU A 227 -8.57 -10.59 -1.54
CA GLU A 227 -9.35 -11.36 -2.50
C GLU A 227 -8.88 -11.11 -3.94
N VAL A 228 -8.49 -9.90 -4.36
CA VAL A 228 -8.05 -9.70 -5.73
C VAL A 228 -6.78 -10.47 -6.00
N VAL A 229 -5.82 -10.60 -5.08
CA VAL A 229 -4.60 -11.35 -5.31
C VAL A 229 -4.87 -12.85 -5.18
N LEU A 230 -5.55 -13.28 -4.13
CA LEU A 230 -5.77 -14.67 -3.85
C LEU A 230 -6.59 -15.31 -4.98
N ASN A 231 -7.52 -14.58 -5.60
CA ASN A 231 -8.36 -15.11 -6.65
C ASN A 231 -7.55 -15.19 -7.94
N ALA A 232 -6.53 -14.37 -8.14
CA ALA A 232 -5.83 -14.40 -9.39
C ALA A 232 -4.69 -15.38 -9.33
N LEU A 233 -4.41 -16.07 -8.21
CA LEU A 233 -3.20 -16.86 -8.14
C LEU A 233 -3.22 -18.01 -9.11
N HIS A 234 -4.32 -18.77 -9.12
CA HIS A 234 -4.43 -19.95 -9.97
C HIS A 234 -5.03 -19.72 -11.34
N SER A 235 -5.13 -18.48 -11.83
CA SER A 235 -5.60 -18.27 -13.19
C SER A 235 -4.79 -19.07 -14.18
N GLY A 236 -5.58 -19.85 -14.94
CA GLY A 236 -5.03 -20.62 -16.04
C GLY A 236 -4.56 -22.03 -15.66
N GLU A 237 -4.54 -22.38 -14.39
CA GLU A 237 -4.24 -23.74 -13.98
C GLU A 237 -5.54 -24.53 -13.93
N ILE A 238 -5.34 -25.86 -14.00
CA ILE A 238 -6.44 -26.80 -13.92
C ILE A 238 -6.00 -27.53 -12.69
N LEU A 239 -6.77 -27.29 -11.64
CA LEU A 239 -6.49 -27.85 -10.35
C LEU A 239 -6.93 -29.29 -10.31
N PRO A 240 -6.14 -30.18 -9.73
CA PRO A 240 -6.49 -31.56 -9.55
C PRO A 240 -7.65 -31.57 -8.60
N TYR A 241 -8.63 -32.42 -8.79
CA TYR A 241 -9.73 -32.53 -7.90
C TYR A 241 -9.34 -32.63 -6.42
N GLU A 242 -8.35 -33.42 -6.13
CA GLU A 242 -7.90 -33.66 -4.77
C GLU A 242 -7.27 -32.46 -4.08
N ALA A 243 -6.88 -31.35 -4.73
CA ALA A 243 -6.37 -30.19 -4.02
C ALA A 243 -7.54 -29.43 -3.36
N LEU A 244 -8.78 -29.74 -3.72
CA LEU A 244 -9.98 -29.05 -3.31
C LEU A 244 -10.59 -29.47 -1.96
N PRO A 245 -11.22 -28.55 -1.18
CA PRO A 245 -11.25 -27.10 -1.45
C PRO A 245 -9.93 -26.45 -1.08
N LEU A 246 -9.44 -25.51 -1.88
CA LEU A 246 -8.30 -24.70 -1.50
C LEU A 246 -8.73 -23.64 -0.43
N ARG A 247 -8.26 -23.70 0.81
CA ARG A 247 -8.53 -22.69 1.83
C ARG A 247 -7.35 -21.76 2.08
N TYR A 248 -7.38 -20.52 1.60
CA TYR A 248 -6.29 -19.56 1.82
C TYR A 248 -6.66 -18.46 2.83
N ALA A 249 -5.87 -18.16 3.86
CA ALA A 249 -6.08 -17.05 4.80
C ALA A 249 -5.01 -16.05 4.36
N GLY A 250 -5.26 -15.01 3.57
CA GLY A 250 -4.19 -14.12 3.19
C GLY A 250 -4.19 -12.74 3.89
N TYR A 251 -3.04 -12.20 4.29
CA TYR A 251 -2.99 -10.91 4.91
C TYR A 251 -2.42 -9.88 3.96
N ALA A 252 -2.98 -8.68 3.74
CA ALA A 252 -2.26 -7.63 3.01
C ALA A 252 -2.86 -6.28 3.46
N PRO A 253 -2.08 -5.18 3.51
CA PRO A 253 -2.58 -3.81 3.52
C PRO A 253 -3.66 -3.66 2.46
N ALA A 254 -4.74 -2.91 2.65
CA ALA A 254 -5.80 -2.77 1.66
C ALA A 254 -5.90 -1.27 1.52
N PHE A 255 -6.02 -0.79 0.28
CA PHE A 255 -6.13 0.62 0.01
C PHE A 255 -7.48 0.83 -0.71
N ARG A 256 -8.24 1.82 -0.24
CA ARG A 256 -9.52 2.14 -0.86
C ARG A 256 -9.68 3.63 -1.08
N SER A 257 -9.99 4.02 -2.31
CA SER A 257 -10.20 5.43 -2.63
C SER A 257 -11.31 6.03 -1.79
N GLU A 258 -12.35 5.25 -1.50
CA GLU A 258 -13.52 5.66 -0.74
C GLU A 258 -14.27 6.81 -1.40
N ALA A 259 -14.21 6.84 -2.73
CA ALA A 259 -14.87 7.86 -3.50
C ALA A 259 -16.23 7.30 -3.87
N GLY A 260 -16.94 7.22 -2.75
CA GLY A 260 -18.30 6.78 -2.62
C GLY A 260 -18.63 7.52 -1.33
N SER A 261 -19.50 8.51 -1.50
CA SER A 261 -19.91 9.42 -0.43
C SER A 261 -18.92 9.72 0.72
N PHE A 262 -17.93 10.56 0.38
CA PHE A 262 -17.06 11.12 1.40
C PHE A 262 -18.05 11.91 2.29
N GLY A 263 -17.81 11.80 3.60
CA GLY A 263 -18.70 12.44 4.53
C GLY A 263 -19.51 11.37 5.20
N LYS A 264 -19.63 10.15 4.62
CA LYS A 264 -20.29 9.06 5.32
C LYS A 264 -19.40 8.74 6.51
N ASP A 265 -20.05 8.46 7.65
CA ASP A 265 -19.46 8.23 8.98
C ASP A 265 -17.98 7.83 9.04
N VAL A 266 -17.31 9.00 8.91
CA VAL A 266 -15.88 9.18 8.97
C VAL A 266 -15.44 10.43 9.74
N ARG A 267 -14.87 9.93 10.81
CA ARG A 267 -13.96 10.53 11.79
C ARG A 267 -13.74 9.25 12.59
N GLY A 268 -12.52 9.05 13.00
CA GLY A 268 -12.21 7.86 13.76
C GLY A 268 -11.73 6.73 12.86
N LEU A 269 -11.98 5.50 13.37
CA LEU A 269 -11.40 4.33 12.77
C LEU A 269 -12.27 3.58 11.81
N MET A 270 -13.35 4.16 11.35
CA MET A 270 -14.31 3.39 10.59
C MET A 270 -14.05 3.38 9.11
N ARG A 271 -13.83 4.45 8.35
CA ARG A 271 -13.63 4.31 6.93
C ARG A 271 -12.37 5.10 6.58
N VAL A 272 -11.24 4.39 6.38
CA VAL A 272 -9.96 5.02 6.09
C VAL A 272 -9.47 4.56 4.75
N HIS A 273 -8.55 5.26 4.15
CA HIS A 273 -8.02 4.84 2.91
C HIS A 273 -7.10 3.63 3.01
N GLN A 274 -6.55 3.22 4.13
CA GLN A 274 -5.54 2.20 4.18
C GLN A 274 -5.80 1.50 5.46
N PHE A 275 -5.87 0.20 5.48
CA PHE A 275 -6.15 -0.53 6.67
C PHE A 275 -5.47 -1.88 6.47
N HIS A 276 -5.60 -2.81 7.39
CA HIS A 276 -4.96 -4.09 7.29
C HIS A 276 -6.11 -5.08 7.31
N LYS A 277 -6.07 -6.17 6.55
CA LYS A 277 -7.13 -7.16 6.56
C LYS A 277 -6.54 -8.55 6.34
N VAL A 278 -7.01 -9.48 7.14
CA VAL A 278 -6.75 -10.87 6.95
C VAL A 278 -8.02 -11.43 6.25
N GLU A 279 -7.88 -12.12 5.12
CA GLU A 279 -8.97 -12.66 4.28
C GLU A 279 -9.14 -14.15 4.22
N GLN A 280 -10.33 -14.68 4.37
CA GLN A 280 -10.64 -16.07 4.17
C GLN A 280 -11.06 -16.23 2.70
N TYR A 281 -10.40 -17.04 1.88
CA TYR A 281 -10.75 -17.32 0.50
C TYR A 281 -10.87 -18.84 0.28
N VAL A 282 -11.93 -19.31 -0.38
CA VAL A 282 -12.13 -20.75 -0.63
C VAL A 282 -12.45 -20.94 -2.10
N LEU A 283 -11.78 -21.89 -2.74
CA LEU A 283 -12.02 -22.26 -4.14
C LEU A 283 -12.43 -23.73 -4.01
N THR A 284 -13.63 -24.07 -4.46
CA THR A 284 -14.15 -25.42 -4.24
C THR A 284 -14.71 -25.94 -5.55
N GLU A 285 -15.30 -27.11 -5.48
CA GLU A 285 -15.79 -27.72 -6.71
C GLU A 285 -17.14 -27.13 -7.07
N ALA A 286 -17.48 -27.10 -8.36
CA ALA A 286 -18.73 -26.57 -8.84
C ALA A 286 -20.00 -27.36 -8.44
N SER A 287 -20.26 -27.60 -7.16
CA SER A 287 -21.43 -28.24 -6.57
C SER A 287 -22.16 -27.26 -5.63
N LEU A 288 -23.47 -26.92 -5.64
CA LEU A 288 -24.09 -26.02 -4.65
C LEU A 288 -23.87 -26.51 -3.23
N GLU A 289 -23.84 -27.83 -2.99
CA GLU A 289 -23.60 -28.32 -1.66
C GLU A 289 -22.16 -28.06 -1.20
N ALA A 290 -21.19 -27.87 -2.11
CA ALA A 290 -19.82 -27.56 -1.71
C ALA A 290 -19.71 -26.06 -1.38
N SER A 291 -20.29 -25.17 -2.18
CA SER A 291 -20.42 -23.75 -1.92
C SER A 291 -21.10 -23.52 -0.58
N ASP A 292 -22.22 -24.16 -0.27
CA ASP A 292 -22.94 -24.03 1.00
C ASP A 292 -22.20 -24.52 2.21
N ARG A 293 -21.46 -25.62 2.13
CA ARG A 293 -20.59 -26.05 3.21
C ARG A 293 -19.45 -25.00 3.35
N ALA A 294 -18.82 -24.47 2.31
CA ALA A 294 -17.74 -23.53 2.47
C ALA A 294 -18.35 -22.27 3.09
N PHE A 295 -19.48 -21.75 2.63
CA PHE A 295 -20.12 -20.56 3.17
C PHE A 295 -20.38 -20.72 4.68
N GLN A 296 -20.91 -21.83 5.16
CA GLN A 296 -21.13 -22.00 6.58
C GLN A 296 -19.79 -22.04 7.35
N GLU A 297 -18.68 -22.47 6.75
CA GLU A 297 -17.40 -22.60 7.42
C GLU A 297 -16.83 -21.20 7.67
N LEU A 298 -16.84 -20.36 6.63
CA LEU A 298 -16.35 -19.03 6.62
C LEU A 298 -17.07 -18.18 7.64
N LEU A 299 -18.37 -18.36 7.76
CA LEU A 299 -19.17 -17.63 8.71
C LEU A 299 -18.90 -18.09 10.14
N GLU A 300 -18.87 -19.37 10.42
CA GLU A 300 -18.55 -19.90 11.72
C GLU A 300 -17.20 -19.41 12.23
N ASN A 301 -16.30 -19.11 11.33
CA ASN A 301 -14.97 -18.71 11.61
C ASN A 301 -14.90 -17.29 12.14
N ALA A 302 -15.51 -16.37 11.44
CA ALA A 302 -15.64 -15.00 11.86
C ALA A 302 -16.49 -14.91 13.13
N GLU A 303 -17.55 -15.71 13.28
CA GLU A 303 -18.32 -15.77 14.50
C GLU A 303 -17.45 -16.18 15.65
N GLU A 304 -16.59 -17.19 15.46
CA GLU A 304 -15.73 -17.70 16.50
C GLU A 304 -14.70 -16.65 16.82
N ILE A 305 -14.14 -15.92 15.86
CA ILE A 305 -13.23 -14.87 16.16
C ILE A 305 -14.00 -13.83 16.97
N LEU A 306 -15.22 -13.38 16.62
CA LEU A 306 -15.88 -12.37 17.41
C LEU A 306 -16.24 -12.88 18.79
N ARG A 307 -16.41 -14.17 18.99
CA ARG A 307 -16.69 -14.73 20.30
C ARG A 307 -15.42 -14.60 21.10
N LEU A 308 -14.27 -14.83 20.48
CA LEU A 308 -12.99 -14.81 21.17
C LEU A 308 -12.59 -13.39 21.58
N LEU A 309 -13.02 -12.44 20.77
CA LEU A 309 -12.84 -11.02 20.98
C LEU A 309 -13.87 -10.47 21.94
N GLU A 310 -14.81 -11.28 22.43
CA GLU A 310 -15.88 -10.97 23.39
C GLU A 310 -16.71 -9.75 23.01
N LEU A 311 -17.22 -9.78 21.78
CA LEU A 311 -17.98 -8.74 21.11
C LEU A 311 -19.39 -9.21 20.73
N PRO A 312 -20.47 -8.40 20.94
CA PRO A 312 -21.85 -8.77 20.61
C PRO A 312 -22.01 -8.54 19.13
N TYR A 313 -22.67 -9.42 18.38
CA TYR A 313 -22.76 -9.19 16.94
C TYR A 313 -24.12 -9.68 16.47
N ARG A 314 -24.40 -9.47 15.19
CA ARG A 314 -25.61 -9.98 14.63
C ARG A 314 -25.30 -10.37 13.20
N LEU A 315 -26.07 -11.29 12.58
CA LEU A 315 -25.84 -11.64 11.19
C LEU A 315 -26.86 -11.00 10.29
N VAL A 316 -26.54 -10.51 9.11
CA VAL A 316 -27.51 -9.79 8.31
C VAL A 316 -27.51 -10.45 6.95
N GLU A 317 -28.65 -10.86 6.46
CA GLU A 317 -28.80 -11.40 5.15
C GLU A 317 -28.84 -10.25 4.20
N VAL A 318 -27.94 -10.06 3.23
CA VAL A 318 -28.00 -8.91 2.32
C VAL A 318 -28.96 -9.07 1.13
N ALA A 319 -29.66 -8.00 0.79
CA ALA A 319 -30.64 -7.98 -0.26
C ALA A 319 -30.01 -7.96 -1.63
N THR A 320 -30.84 -8.31 -2.61
CA THR A 320 -30.38 -8.51 -3.96
C THR A 320 -29.74 -7.29 -4.56
N GLY A 321 -30.24 -6.12 -4.19
CA GLY A 321 -29.75 -4.87 -4.76
C GLY A 321 -28.61 -4.33 -3.95
N ASP A 322 -28.16 -5.06 -2.93
CA ASP A 322 -27.06 -4.62 -2.09
C ASP A 322 -25.89 -5.57 -2.15
N MET A 323 -26.07 -6.77 -2.66
CA MET A 323 -24.95 -7.69 -2.69
C MET A 323 -24.01 -7.48 -3.86
N GLY A 324 -24.32 -6.80 -4.95
CA GLY A 324 -23.30 -6.69 -5.99
C GLY A 324 -23.56 -7.70 -7.10
N PRO A 325 -23.03 -7.47 -8.31
CA PRO A 325 -23.37 -8.26 -9.47
C PRO A 325 -22.91 -9.70 -9.35
N GLY A 326 -21.78 -10.04 -8.75
CA GLY A 326 -21.38 -11.42 -8.75
C GLY A 326 -21.90 -12.26 -7.62
N LYS A 327 -22.72 -11.82 -6.67
CA LYS A 327 -22.94 -12.71 -5.55
C LYS A 327 -24.16 -13.58 -5.72
N TRP A 328 -23.99 -14.80 -5.26
CA TRP A 328 -25.08 -15.72 -5.13
C TRP A 328 -25.72 -15.39 -3.79
N ARG A 329 -24.93 -15.20 -2.73
CA ARG A 329 -25.35 -15.03 -1.35
C ARG A 329 -24.40 -14.08 -0.68
N GLN A 330 -24.86 -13.34 0.32
CA GLN A 330 -23.99 -12.43 1.06
C GLN A 330 -24.60 -12.20 2.42
N VAL A 331 -23.84 -12.50 3.50
CA VAL A 331 -24.20 -12.32 4.90
C VAL A 331 -23.14 -11.45 5.57
N ASP A 332 -23.56 -10.29 6.07
CA ASP A 332 -22.70 -9.37 6.78
C ASP A 332 -22.69 -9.73 8.21
N ILE A 333 -21.58 -9.61 8.89
CA ILE A 333 -21.60 -9.76 10.33
C ILE A 333 -21.40 -8.35 10.87
N GLU A 334 -22.24 -7.89 11.76
CA GLU A 334 -22.14 -6.54 12.32
C GLU A 334 -21.86 -6.53 13.80
N VAL A 335 -20.98 -5.68 14.35
CA VAL A 335 -20.71 -5.69 15.79
C VAL A 335 -21.33 -4.40 16.36
N TYR A 336 -21.84 -4.53 17.58
CA TYR A 336 -22.47 -3.42 18.23
C TYR A 336 -21.48 -2.29 18.60
N LEU A 337 -21.73 -1.06 18.18
CA LEU A 337 -20.91 0.08 18.53
C LEU A 337 -21.74 0.96 19.49
N PRO A 338 -21.56 0.90 20.83
CA PRO A 338 -22.38 1.61 21.80
C PRO A 338 -22.62 3.09 21.54
N SER A 339 -21.68 3.86 21.01
CA SER A 339 -21.87 5.29 20.84
C SER A 339 -22.77 5.66 19.66
N GLU A 340 -23.06 4.72 18.73
CA GLU A 340 -23.99 5.00 17.65
C GLU A 340 -25.33 4.32 17.94
N GLY A 341 -25.45 3.54 19.02
CA GLY A 341 -26.63 2.79 19.35
C GLY A 341 -27.00 1.80 18.26
N ARG A 342 -26.01 1.31 17.47
CA ARG A 342 -26.24 0.32 16.44
C ARG A 342 -25.03 -0.53 16.07
N TYR A 343 -25.33 -1.53 15.24
CA TYR A 343 -24.38 -2.52 14.78
C TYR A 343 -23.70 -1.99 13.54
N ARG A 344 -22.39 -2.08 13.39
CA ARG A 344 -21.76 -1.67 12.16
C ARG A 344 -21.00 -2.88 11.56
N GLU A 345 -20.96 -2.96 10.22
CA GLU A 345 -20.33 -4.03 9.47
C GLU A 345 -18.87 -4.29 9.84
N THR A 346 -18.49 -5.54 10.17
CA THR A 346 -17.09 -5.83 10.33
C THR A 346 -16.59 -6.89 9.32
N HIS A 347 -17.48 -7.76 8.83
CA HIS A 347 -17.11 -8.92 8.04
C HIS A 347 -18.13 -9.08 6.94
N SER A 348 -17.78 -9.42 5.71
CA SER A 348 -18.74 -9.60 4.66
C SER A 348 -18.45 -10.92 3.91
N CYS A 349 -19.31 -11.95 4.08
CA CYS A 349 -19.26 -13.30 3.53
C CYS A 349 -20.00 -13.45 2.20
N SER A 350 -19.33 -13.85 1.13
CA SER A 350 -19.88 -13.97 -0.19
C SER A 350 -19.69 -15.35 -0.81
N ALA A 351 -20.62 -15.74 -1.70
CA ALA A 351 -20.55 -17.02 -2.41
C ALA A 351 -20.76 -16.53 -3.78
N LEU A 352 -19.89 -16.83 -4.73
CA LEU A 352 -20.03 -16.23 -6.04
C LEU A 352 -20.19 -17.25 -7.11
N LEU A 353 -20.43 -18.50 -6.67
CA LEU A 353 -20.49 -19.70 -7.50
C LEU A 353 -19.38 -19.62 -8.52
N ASP A 354 -19.60 -19.55 -9.85
CA ASP A 354 -18.49 -19.52 -10.79
C ASP A 354 -18.40 -18.23 -11.57
N TRP A 355 -19.01 -17.13 -11.06
CA TRP A 355 -18.97 -15.88 -11.77
C TRP A 355 -17.55 -15.38 -11.71
N GLN A 356 -16.79 -15.62 -10.67
CA GLN A 356 -15.42 -15.14 -10.66
C GLN A 356 -14.56 -16.17 -11.37
N ALA A 357 -14.79 -17.47 -11.16
CA ALA A 357 -14.04 -18.52 -11.83
C ALA A 357 -14.05 -18.36 -13.35
N ARG A 358 -15.17 -17.92 -13.95
CA ARG A 358 -15.21 -17.64 -15.37
C ARG A 358 -14.51 -16.37 -15.78
N ARG A 359 -14.35 -15.36 -14.93
CA ARG A 359 -13.63 -14.15 -15.34
C ARG A 359 -12.14 -14.42 -15.09
N ALA A 360 -11.75 -15.08 -14.01
CA ALA A 360 -10.36 -15.28 -13.69
C ALA A 360 -9.84 -16.55 -14.29
N ASN A 361 -10.73 -17.40 -14.84
CA ASN A 361 -10.44 -18.69 -15.48
C ASN A 361 -9.85 -19.66 -14.50
N LEU A 362 -10.66 -20.07 -13.54
CA LEU A 362 -10.25 -20.97 -12.49
C LEU A 362 -10.96 -22.29 -12.73
N ARG A 363 -10.21 -23.36 -12.97
CA ARG A 363 -10.83 -24.61 -13.35
C ARG A 363 -10.17 -25.73 -12.67
N TYR A 364 -10.90 -26.79 -12.46
CA TYR A 364 -10.30 -27.96 -11.92
C TYR A 364 -10.72 -29.18 -12.76
N ARG A 365 -10.15 -30.36 -12.48
CA ARG A 365 -10.45 -31.57 -13.22
C ARG A 365 -11.31 -32.31 -12.22
N ASP A 366 -12.55 -32.58 -12.65
CA ASP A 366 -13.54 -33.11 -11.73
C ASP A 366 -13.29 -34.59 -11.60
N PRO A 367 -13.91 -35.34 -10.71
CA PRO A 367 -13.56 -36.73 -10.48
C PRO A 367 -13.85 -37.73 -11.62
N GLU A 368 -14.55 -37.30 -12.68
CA GLU A 368 -14.81 -38.05 -13.89
C GLU A 368 -13.82 -37.54 -14.90
N GLY A 369 -12.77 -36.80 -14.59
CA GLY A 369 -11.86 -36.32 -15.60
C GLY A 369 -12.40 -35.22 -16.46
N ARG A 370 -13.53 -34.61 -16.18
CA ARG A 370 -13.98 -33.43 -16.93
C ARG A 370 -13.46 -32.10 -16.35
N VAL A 371 -13.05 -31.17 -17.16
CA VAL A 371 -12.60 -29.89 -16.71
C VAL A 371 -13.80 -28.95 -16.55
N ARG A 372 -13.88 -28.41 -15.32
CA ARG A 372 -14.96 -27.54 -14.88
C ARG A 372 -14.51 -26.19 -14.34
N TYR A 373 -15.32 -25.14 -14.35
CA TYR A 373 -15.01 -23.90 -13.62
C TYR A 373 -15.27 -24.15 -12.15
N ALA A 374 -14.41 -23.67 -11.27
CA ALA A 374 -14.65 -23.94 -9.86
C ALA A 374 -15.57 -22.84 -9.30
N TYR A 375 -16.03 -23.01 -8.03
CA TYR A 375 -16.83 -22.03 -7.32
C TYR A 375 -15.95 -21.31 -6.28
N THR A 376 -16.07 -20.00 -6.10
CA THR A 376 -15.23 -19.32 -5.15
C THR A 376 -16.12 -18.63 -4.11
N LEU A 377 -15.60 -18.49 -2.90
CA LEU A 377 -16.24 -17.83 -1.78
C LEU A 377 -15.15 -16.97 -1.09
N ASN A 378 -15.49 -16.08 -0.16
CA ASN A 378 -14.54 -15.27 0.61
C ASN A 378 -15.27 -14.64 1.79
N ASN A 379 -14.57 -14.42 2.90
CA ASN A 379 -15.15 -13.74 4.04
C ASN A 379 -13.99 -13.02 4.70
N THR A 380 -14.19 -11.85 5.32
CA THR A 380 -13.18 -11.20 6.11
C THR A 380 -12.80 -12.20 7.19
N ALA A 381 -11.56 -12.24 7.69
CA ALA A 381 -11.28 -12.93 8.95
C ALA A 381 -11.29 -11.86 10.07
N LEU A 382 -10.55 -10.75 9.89
CA LEU A 382 -10.41 -9.60 10.82
C LEU A 382 -9.86 -8.45 10.01
N ALA A 383 -10.45 -7.24 10.01
CA ALA A 383 -9.90 -6.07 9.34
C ALA A 383 -9.64 -5.02 10.43
N THR A 384 -8.53 -4.25 10.43
CA THR A 384 -8.30 -3.22 11.44
C THR A 384 -8.11 -1.98 10.56
N PRO A 385 -8.42 -0.74 10.99
CA PRO A 385 -8.68 -0.41 12.39
C PRO A 385 -10.16 -0.41 12.81
N ARG A 386 -11.08 -0.65 11.88
CA ARG A 386 -12.48 -0.64 12.23
C ARG A 386 -12.82 -1.56 13.36
N ILE A 387 -12.23 -2.75 13.55
CA ILE A 387 -12.60 -3.56 14.73
C ILE A 387 -12.20 -2.92 16.06
N LEU A 388 -11.20 -2.01 16.04
CA LEU A 388 -10.70 -1.32 17.23
C LEU A 388 -11.75 -0.31 17.74
N ALA A 389 -12.50 0.38 16.88
CA ALA A 389 -13.62 1.21 17.27
C ALA A 389 -14.58 0.40 18.13
N MET A 390 -15.01 -0.82 17.78
CA MET A 390 -15.96 -1.56 18.59
C MET A 390 -15.36 -2.17 19.83
N LEU A 391 -14.08 -2.57 19.75
CA LEU A 391 -13.40 -3.19 20.87
C LEU A 391 -13.18 -2.13 21.95
N LEU A 392 -12.67 -0.92 21.62
CA LEU A 392 -12.48 0.13 22.62
C LEU A 392 -13.80 0.51 23.26
N GLU A 393 -14.88 0.82 22.54
CA GLU A 393 -16.13 1.18 23.18
C GLU A 393 -16.73 0.08 24.03
N ASN A 394 -16.61 -1.18 23.63
CA ASN A 394 -17.24 -2.27 24.36
C ASN A 394 -16.51 -2.78 25.57
N HIS A 395 -15.19 -2.58 25.56
CA HIS A 395 -14.35 -3.07 26.63
C HIS A 395 -13.81 -1.94 27.54
N GLN A 396 -14.20 -0.68 27.34
CA GLN A 396 -13.82 0.40 28.23
C GLN A 396 -14.18 0.18 29.70
N LEU A 397 -13.24 0.59 30.55
CA LEU A 397 -13.40 0.54 32.00
C LEU A 397 -13.69 1.97 32.46
N GLN A 398 -14.13 2.18 33.71
CA GLN A 398 -14.42 3.50 34.28
C GLN A 398 -13.35 4.58 34.12
N ASP A 399 -12.08 4.21 34.27
CA ASP A 399 -11.01 5.19 34.08
C ASP A 399 -10.61 5.52 32.65
N GLY A 400 -11.37 5.08 31.65
CA GLY A 400 -10.98 5.32 30.27
C GLY A 400 -9.92 4.34 29.74
N ARG A 401 -9.61 3.26 30.49
CA ARG A 401 -8.72 2.24 29.96
C ARG A 401 -9.55 1.15 29.35
N VAL A 402 -8.97 0.26 28.57
CA VAL A 402 -9.72 -0.71 27.80
C VAL A 402 -9.17 -2.04 28.18
N ARG A 403 -9.94 -3.05 28.54
CA ARG A 403 -9.33 -4.34 28.82
C ARG A 403 -9.17 -5.15 27.55
N VAL A 404 -8.34 -6.17 27.66
CA VAL A 404 -8.01 -7.05 26.56
C VAL A 404 -8.84 -8.30 26.81
N PRO A 405 -9.56 -8.82 25.79
CA PRO A 405 -10.26 -10.09 25.83
C PRO A 405 -9.37 -11.21 26.35
N GLN A 406 -9.79 -12.23 27.09
CA GLN A 406 -8.89 -13.32 27.47
C GLN A 406 -8.12 -13.89 26.28
N ALA A 407 -8.69 -14.19 25.12
CA ALA A 407 -7.91 -14.74 24.02
C ALA A 407 -6.79 -13.84 23.50
N LEU A 408 -6.78 -12.53 23.75
CA LEU A 408 -5.70 -11.70 23.25
C LEU A 408 -4.69 -11.31 24.27
N ILE A 409 -4.87 -11.73 25.52
CA ILE A 409 -3.92 -11.37 26.53
C ILE A 409 -2.59 -12.00 26.13
N PRO A 410 -2.37 -13.26 25.70
CA PRO A 410 -1.10 -13.79 25.19
C PRO A 410 -0.53 -12.99 24.07
N TYR A 411 -1.36 -12.36 23.24
CA TYR A 411 -0.82 -11.60 22.15
C TYR A 411 -0.41 -10.22 22.59
N MET A 412 -0.92 -9.80 23.75
CA MET A 412 -0.78 -8.44 24.17
C MET A 412 0.24 -8.38 25.26
N GLY A 413 0.36 -9.41 26.08
CA GLY A 413 1.22 -9.37 27.23
C GLY A 413 0.61 -8.62 28.40
N LYS A 414 -0.63 -8.12 28.38
CA LYS A 414 -1.22 -7.41 29.50
C LYS A 414 -2.74 -7.47 29.32
N GLU A 415 -3.43 -7.51 30.47
CA GLU A 415 -4.89 -7.59 30.53
C GLU A 415 -5.61 -6.27 30.25
N VAL A 416 -4.93 -5.11 30.19
CA VAL A 416 -5.56 -3.81 30.00
C VAL A 416 -4.61 -2.85 29.27
N LEU A 417 -5.16 -2.08 28.34
CA LEU A 417 -4.43 -1.10 27.59
C LEU A 417 -4.33 0.13 28.46
N GLU A 418 -3.14 0.69 28.43
CA GLU A 418 -2.77 1.79 29.29
C GLU A 418 -2.53 3.07 28.54
N PRO A 419 -2.77 4.22 29.17
CA PRO A 419 -2.53 5.50 28.54
C PRO A 419 -1.05 5.67 28.21
N CYS A 420 -0.79 6.44 27.15
CA CYS A 420 0.58 6.74 26.74
C CYS A 420 0.64 8.18 27.24
N GLY A 421 0.97 8.28 28.54
CA GLY A 421 0.99 9.55 29.25
C GLY A 421 -0.02 9.47 30.40
N MET B 1 17.90 21.20 3.45
CA MET B 1 17.89 22.65 3.39
C MET B 1 19.00 23.11 4.34
N VAL B 2 19.66 24.12 3.83
CA VAL B 2 20.85 24.75 4.39
C VAL B 2 20.54 26.20 4.81
N ASP B 3 21.25 26.76 5.78
CA ASP B 3 21.05 28.16 6.10
C ASP B 3 21.59 29.05 4.98
N LEU B 4 20.71 29.76 4.28
CA LEU B 4 21.13 30.66 3.21
C LEU B 4 22.15 31.70 3.69
N LYS B 5 22.10 32.09 4.96
CA LYS B 5 23.10 33.00 5.50
C LYS B 5 24.48 32.33 5.62
N ARG B 6 24.65 31.04 5.98
CA ARG B 6 25.97 30.44 5.98
C ARG B 6 26.34 30.15 4.53
N LEU B 7 25.36 29.95 3.65
CA LEU B 7 25.65 29.73 2.25
C LEU B 7 26.29 30.97 1.67
N ARG B 8 25.74 32.13 2.02
CA ARG B 8 26.24 33.41 1.56
C ARG B 8 27.59 33.77 2.18
N GLN B 9 27.75 33.54 3.47
CA GLN B 9 29.00 33.83 4.18
C GLN B 9 30.11 32.81 4.01
N GLU B 10 29.84 31.54 3.71
CA GLU B 10 30.89 30.54 3.61
C GLU B 10 30.67 29.61 2.44
N PRO B 11 30.42 30.02 1.20
CA PRO B 11 30.06 29.11 0.12
C PRO B 11 31.14 28.05 -0.13
N GLU B 12 32.39 28.25 0.32
CA GLU B 12 33.43 27.26 0.13
C GLU B 12 33.12 25.95 0.88
N VAL B 13 32.61 26.04 2.10
CA VAL B 13 32.27 24.86 2.87
C VAL B 13 31.23 24.01 2.13
N PHE B 14 30.29 24.72 1.48
CA PHE B 14 29.23 24.13 0.71
C PHE B 14 29.75 23.68 -0.64
N HIS B 15 30.78 24.30 -1.20
CA HIS B 15 31.33 23.82 -2.45
C HIS B 15 32.03 22.49 -2.23
N ARG B 16 32.72 22.26 -1.12
CA ARG B 16 33.33 20.97 -0.82
C ARG B 16 32.19 20.00 -0.64
N ALA B 17 31.10 20.26 0.10
CA ALA B 17 29.99 19.33 0.20
C ALA B 17 29.51 18.95 -1.20
N ILE B 18 29.30 19.91 -2.12
CA ILE B 18 28.85 19.60 -3.48
C ILE B 18 29.89 18.77 -4.23
N ARG B 19 31.15 19.03 -4.01
CA ARG B 19 32.21 18.35 -4.70
C ARG B 19 32.34 16.91 -4.24
N GLU B 20 32.51 16.71 -2.96
CA GLU B 20 32.71 15.40 -2.41
C GLU B 20 31.45 14.54 -2.35
N LYS B 21 30.24 15.12 -2.42
CA LYS B 21 29.02 14.32 -2.45
C LYS B 21 28.58 14.13 -3.89
N GLY B 22 29.23 14.76 -4.85
CA GLY B 22 28.89 14.58 -6.26
C GLY B 22 27.57 15.23 -6.60
N VAL B 23 27.11 16.31 -5.95
CA VAL B 23 25.80 16.88 -6.26
C VAL B 23 26.04 17.69 -7.51
N ALA B 24 25.15 17.52 -8.48
CA ALA B 24 25.24 18.31 -9.69
C ALA B 24 24.64 19.69 -9.46
N LEU B 25 25.36 20.61 -8.82
CA LEU B 25 24.83 21.94 -8.59
C LEU B 25 25.94 22.97 -8.83
N ASP B 26 25.59 24.11 -9.44
CA ASP B 26 26.58 25.15 -9.60
C ASP B 26 26.29 26.21 -8.55
N LEU B 27 27.11 26.22 -7.51
CA LEU B 27 26.91 27.15 -6.42
C LEU B 27 27.06 28.59 -6.86
N GLU B 28 28.04 28.95 -7.70
CA GLU B 28 28.19 30.33 -8.16
C GLU B 28 26.90 30.82 -8.84
N ALA B 29 26.27 30.04 -9.71
CA ALA B 29 25.02 30.41 -10.35
C ALA B 29 23.90 30.52 -9.32
N LEU B 30 23.90 29.71 -8.27
CA LEU B 30 22.91 29.84 -7.22
C LEU B 30 23.12 31.20 -6.58
N LEU B 31 24.34 31.54 -6.15
CA LEU B 31 24.61 32.79 -5.47
C LEU B 31 24.37 34.00 -6.37
N ALA B 32 24.66 33.92 -7.67
CA ALA B 32 24.36 34.98 -8.62
C ALA B 32 22.85 35.12 -8.72
N LEU B 33 22.10 34.03 -8.93
CA LEU B 33 20.65 34.07 -9.03
C LEU B 33 20.06 34.65 -7.76
N ASP B 34 20.65 34.38 -6.61
CA ASP B 34 20.19 34.92 -5.34
C ASP B 34 20.39 36.43 -5.31
N ARG B 35 21.50 36.96 -5.85
CA ARG B 35 21.76 38.39 -5.89
C ARG B 35 20.73 39.08 -6.75
N GLU B 36 20.48 38.52 -7.93
CA GLU B 36 19.49 39.00 -8.90
C GLU B 36 18.11 39.10 -8.26
N VAL B 37 17.69 38.10 -7.48
CA VAL B 37 16.41 38.11 -6.80
C VAL B 37 16.45 39.27 -5.82
N GLN B 38 17.49 39.41 -4.98
CA GLN B 38 17.55 40.51 -4.03
C GLN B 38 17.58 41.87 -4.73
N GLU B 39 18.10 41.97 -5.96
CA GLU B 39 18.09 43.23 -6.70
C GLU B 39 16.68 43.54 -7.10
N LEU B 40 16.00 42.56 -7.72
CA LEU B 40 14.63 42.74 -8.17
C LEU B 40 13.71 43.06 -7.01
N LYS B 41 13.90 42.51 -5.80
CA LYS B 41 13.04 42.88 -4.70
C LYS B 41 13.36 44.32 -4.26
N LYS B 42 14.57 44.87 -4.35
CA LYS B 42 14.84 46.27 -4.02
C LYS B 42 14.09 47.18 -4.99
N ARG B 43 14.36 47.06 -6.30
CA ARG B 43 13.75 47.90 -7.33
C ARG B 43 12.24 47.73 -7.36
N LEU B 44 11.67 46.57 -7.02
CA LEU B 44 10.22 46.37 -6.94
C LEU B 44 9.68 47.02 -5.69
N GLN B 45 10.42 47.09 -4.56
CA GLN B 45 9.98 47.79 -3.36
C GLN B 45 9.98 49.29 -3.68
N GLU B 46 11.00 49.78 -4.40
CA GLU B 46 11.14 51.16 -4.85
C GLU B 46 9.98 51.56 -5.76
N VAL B 47 9.68 50.82 -6.84
CA VAL B 47 8.51 51.09 -7.68
C VAL B 47 7.26 50.99 -6.81
N GLN B 48 7.07 50.02 -5.90
CA GLN B 48 5.90 49.96 -5.01
C GLN B 48 5.76 51.19 -4.13
N THR B 49 6.87 51.77 -3.64
CA THR B 49 6.84 52.98 -2.84
C THR B 49 6.48 54.17 -3.73
N GLU B 50 7.10 54.27 -4.91
CA GLU B 50 6.89 55.36 -5.85
C GLU B 50 5.44 55.41 -6.30
N ARG B 51 4.87 54.23 -6.57
CA ARG B 51 3.49 54.08 -6.99
C ARG B 51 2.58 54.62 -5.88
N ASN B 52 2.82 54.24 -4.63
CA ASN B 52 2.01 54.74 -3.51
C ASN B 52 2.19 56.24 -3.35
N GLN B 53 3.38 56.78 -3.66
CA GLN B 53 3.63 58.22 -3.55
C GLN B 53 2.77 58.97 -4.56
N VAL B 54 2.79 58.55 -5.83
CA VAL B 54 2.00 59.17 -6.88
C VAL B 54 0.52 59.05 -6.52
N ALA B 55 0.11 57.87 -6.05
CA ALA B 55 -1.26 57.61 -5.63
C ALA B 55 -1.71 58.56 -4.53
N LYS B 56 -0.84 58.84 -3.56
CA LYS B 56 -1.14 59.76 -2.47
C LYS B 56 -1.33 61.18 -3.00
N ARG B 57 -0.54 61.56 -4.00
CA ARG B 57 -0.64 62.88 -4.61
C ARG B 57 -1.97 63.10 -5.32
N VAL B 58 -2.52 62.07 -5.97
CA VAL B 58 -3.76 62.19 -6.73
C VAL B 58 -4.94 62.76 -5.95
N PRO B 59 -5.34 62.40 -4.71
CA PRO B 59 -6.37 63.12 -3.94
C PRO B 59 -6.17 64.62 -3.76
N LYS B 60 -4.96 65.13 -3.91
CA LYS B 60 -4.69 66.54 -3.76
C LYS B 60 -4.41 67.17 -5.13
N ALA B 61 -4.65 66.47 -6.25
CA ALA B 61 -4.26 66.99 -7.54
C ALA B 61 -5.33 67.66 -8.41
N PRO B 62 -5.17 68.96 -8.70
CA PRO B 62 -5.98 69.74 -9.63
C PRO B 62 -5.96 69.23 -11.07
N PRO B 63 -6.99 69.37 -11.91
CA PRO B 63 -7.20 68.56 -13.11
C PRO B 63 -6.07 68.46 -14.14
N GLU B 64 -5.44 69.59 -14.51
CA GLU B 64 -4.36 69.56 -15.47
C GLU B 64 -3.20 68.75 -14.91
N GLU B 65 -3.02 68.74 -13.58
CA GLU B 65 -1.95 67.97 -12.95
C GLU B 65 -2.40 66.58 -12.50
N LYS B 66 -3.68 66.25 -12.28
CA LYS B 66 -4.02 64.86 -11.97
C LYS B 66 -4.01 64.05 -13.26
N GLU B 67 -4.16 64.66 -14.45
CA GLU B 67 -4.02 63.97 -15.74
C GLU B 67 -2.59 63.43 -15.87
N ALA B 68 -1.60 64.24 -15.47
CA ALA B 68 -0.21 63.84 -15.51
C ALA B 68 0.01 62.66 -14.57
N LEU B 69 -0.48 62.80 -13.33
CA LEU B 69 -0.30 61.79 -12.28
C LEU B 69 -0.86 60.38 -12.53
N ILE B 70 -1.93 60.24 -13.31
CA ILE B 70 -2.42 58.93 -13.72
C ILE B 70 -1.52 58.43 -14.86
N ALA B 71 -0.98 59.28 -15.75
CA ALA B 71 -0.04 58.84 -16.76
C ALA B 71 1.17 58.27 -16.06
N ARG B 72 1.67 58.97 -15.04
CA ARG B 72 2.81 58.49 -14.25
C ARG B 72 2.39 57.25 -13.46
N GLY B 73 1.22 57.25 -12.85
CA GLY B 73 0.73 56.11 -12.10
C GLY B 73 0.67 54.85 -12.96
N LYS B 74 0.18 54.92 -14.20
CA LYS B 74 0.03 53.74 -15.03
C LYS B 74 1.39 53.21 -15.46
N ALA B 75 2.36 54.06 -15.80
CA ALA B 75 3.70 53.58 -16.14
C ALA B 75 4.36 52.97 -14.90
N LEU B 76 4.22 53.56 -13.70
CA LEU B 76 4.82 52.98 -12.52
C LEU B 76 4.24 51.61 -12.28
N GLY B 77 2.91 51.50 -12.34
CA GLY B 77 2.19 50.24 -12.20
C GLY B 77 2.63 49.21 -13.24
N GLU B 78 2.95 49.62 -14.48
CA GLU B 78 3.48 48.73 -15.50
C GLU B 78 4.88 48.24 -15.17
N GLU B 79 5.85 49.07 -14.73
CA GLU B 79 7.16 48.56 -14.36
C GLU B 79 7.01 47.64 -13.16
N ALA B 80 6.07 47.90 -12.25
CA ALA B 80 5.78 47.03 -11.11
C ALA B 80 5.26 45.66 -11.57
N LYS B 81 4.49 45.55 -12.66
CA LYS B 81 4.03 44.25 -13.16
C LYS B 81 5.24 43.52 -13.74
N ARG B 82 6.11 44.13 -14.56
CA ARG B 82 7.32 43.46 -15.03
C ARG B 82 8.22 42.97 -13.87
N LEU B 83 8.50 43.79 -12.85
CA LEU B 83 9.33 43.41 -11.70
C LEU B 83 8.70 42.34 -10.86
N GLU B 84 7.40 42.41 -10.60
CA GLU B 84 6.71 41.37 -9.87
C GLU B 84 6.94 40.09 -10.65
N GLU B 85 6.60 40.08 -11.94
CA GLU B 85 6.71 38.91 -12.83
C GLU B 85 8.08 38.26 -12.94
N ALA B 86 9.12 39.03 -13.26
CA ALA B 86 10.47 38.54 -13.36
C ALA B 86 10.92 38.05 -11.99
N LEU B 87 10.52 38.72 -10.91
CA LEU B 87 10.90 38.26 -9.58
C LEU B 87 10.31 36.89 -9.32
N ARG B 88 8.99 36.72 -9.48
CA ARG B 88 8.30 35.46 -9.24
C ARG B 88 8.95 34.34 -10.03
N GLU B 89 9.34 34.48 -11.30
CA GLU B 89 10.01 33.37 -11.96
C GLU B 89 11.49 33.20 -11.49
N LYS B 90 12.22 34.22 -10.97
CA LYS B 90 13.57 34.02 -10.46
C LYS B 90 13.55 33.42 -9.04
N GLU B 91 12.66 33.82 -8.12
CA GLU B 91 12.57 33.24 -6.79
C GLU B 91 12.23 31.77 -6.86
N ALA B 92 11.36 31.40 -7.80
CA ALA B 92 11.02 30.02 -7.98
C ALA B 92 12.24 29.23 -8.43
N ARG B 93 13.05 29.68 -9.39
CA ARG B 93 14.28 28.96 -9.75
C ARG B 93 15.32 28.92 -8.63
N LEU B 94 15.31 29.92 -7.76
CA LEU B 94 16.21 29.91 -6.62
C LEU B 94 15.75 28.81 -5.66
N GLU B 95 14.45 28.71 -5.27
CA GLU B 95 13.87 27.69 -4.37
C GLU B 95 14.32 26.27 -4.71
N ALA B 96 14.15 25.97 -6.00
CA ALA B 96 14.51 24.71 -6.63
C ALA B 96 15.97 24.36 -6.39
N LEU B 97 16.90 25.28 -6.74
CA LEU B 97 18.32 25.13 -6.52
C LEU B 97 18.68 25.00 -5.03
N LEU B 98 18.05 25.73 -4.11
CA LEU B 98 18.38 25.63 -2.68
C LEU B 98 18.01 24.26 -2.14
N LEU B 99 16.92 23.69 -2.68
CA LEU B 99 16.50 22.34 -2.34
C LEU B 99 17.52 21.29 -2.79
N GLN B 100 18.52 21.63 -3.60
CA GLN B 100 19.58 20.70 -3.95
C GLN B 100 20.88 20.89 -3.18
N VAL B 101 21.03 21.90 -2.32
CA VAL B 101 22.28 22.13 -1.61
C VAL B 101 22.48 21.07 -0.51
N PRO B 102 23.61 20.34 -0.53
CA PRO B 102 23.91 19.28 0.39
C PRO B 102 24.44 19.78 1.72
N LEU B 103 24.30 18.97 2.77
CA LEU B 103 24.85 19.26 4.08
C LEU B 103 26.34 18.90 3.99
N PRO B 104 27.36 19.64 4.52
CA PRO B 104 28.75 19.16 4.58
C PRO B 104 28.85 17.82 5.33
N PRO B 105 29.55 16.77 4.89
CA PRO B 105 29.67 15.51 5.62
C PRO B 105 30.57 15.65 6.80
N TRP B 106 30.52 14.73 7.76
CA TRP B 106 31.41 14.86 8.88
C TRP B 106 32.89 14.70 8.48
N PRO B 107 33.85 15.30 9.21
CA PRO B 107 35.27 15.29 8.82
C PRO B 107 35.88 13.91 8.69
N GLY B 108 35.38 12.84 9.33
CA GLY B 108 35.94 11.50 9.17
C GLY B 108 35.21 10.71 8.08
N ALA B 109 34.31 11.28 7.24
CA ALA B 109 33.60 10.47 6.27
C ALA B 109 34.59 10.16 5.16
N PRO B 110 34.69 8.89 4.73
CA PRO B 110 35.44 8.44 3.57
C PRO B 110 35.09 9.27 2.37
N VAL B 111 35.99 9.59 1.47
CA VAL B 111 35.63 10.40 0.33
C VAL B 111 35.74 9.60 -0.96
N GLY B 112 34.60 9.59 -1.63
CA GLY B 112 34.47 8.90 -2.89
C GLY B 112 33.14 8.20 -2.89
N GLY B 113 32.92 7.28 -3.83
CA GLY B 113 31.65 6.59 -3.94
C GLY B 113 31.65 5.42 -3.00
N GLU B 114 30.76 4.46 -3.28
CA GLU B 114 30.59 3.24 -2.49
C GLU B 114 31.87 2.48 -2.26
N GLU B 115 32.83 2.66 -3.14
CA GLU B 115 34.08 1.95 -3.03
C GLU B 115 34.98 2.51 -1.92
N ALA B 116 34.67 3.69 -1.36
CA ALA B 116 35.47 4.23 -0.29
C ALA B 116 34.84 3.84 1.04
N ASN B 117 33.78 3.03 1.07
CA ASN B 117 33.11 2.67 2.29
C ASN B 117 34.02 1.78 3.11
N ARG B 118 34.01 1.91 4.42
CA ARG B 118 35.04 1.30 5.22
C ARG B 118 34.41 0.48 6.34
N GLU B 119 34.66 -0.83 6.42
CA GLU B 119 34.18 -1.66 7.48
C GLU B 119 34.77 -1.13 8.77
N ILE B 120 33.91 -0.89 9.75
CA ILE B 120 34.24 -0.34 11.06
C ILE B 120 34.37 -1.52 12.01
N LYS B 121 33.45 -2.51 12.00
CA LYS B 121 33.42 -3.52 13.04
C LYS B 121 32.78 -4.78 12.47
N ARG B 122 33.07 -5.97 12.93
CA ARG B 122 32.49 -7.21 12.44
C ARG B 122 32.08 -7.97 13.66
N VAL B 123 30.88 -8.51 13.83
CA VAL B 123 30.54 -9.27 15.02
C VAL B 123 29.92 -10.52 14.45
N GLY B 124 30.49 -11.60 14.90
CA GLY B 124 30.03 -12.90 14.47
C GLY B 124 30.59 -13.31 13.11
N GLY B 125 30.34 -14.53 12.70
CA GLY B 125 30.92 -14.99 11.44
C GLY B 125 29.96 -15.89 10.68
N PRO B 126 30.24 -16.03 9.38
CA PRO B 126 29.68 -17.07 8.49
C PRO B 126 29.56 -18.37 9.25
N PRO B 127 28.43 -19.08 9.22
CA PRO B 127 28.33 -20.41 9.86
C PRO B 127 29.21 -21.48 9.14
N GLU B 128 29.65 -22.59 9.78
CA GLU B 128 30.49 -23.60 9.13
C GLU B 128 29.53 -24.75 8.80
N PHE B 129 29.14 -24.96 7.53
CA PHE B 129 28.13 -25.96 7.22
C PHE B 129 28.70 -27.35 7.04
N SER B 130 28.17 -28.37 7.71
CA SER B 130 28.64 -29.74 7.50
C SER B 130 28.12 -30.33 6.19
N PHE B 131 27.02 -29.74 5.74
CA PHE B 131 26.33 -30.17 4.56
C PHE B 131 26.49 -29.05 3.56
N PRO B 132 26.16 -29.28 2.30
CA PRO B 132 26.11 -28.23 1.28
C PRO B 132 24.92 -27.29 1.52
N PRO B 133 25.10 -25.99 1.71
CA PRO B 133 24.03 -25.08 2.08
C PRO B 133 23.17 -24.64 0.90
N LEU B 134 21.87 -24.54 1.08
CA LEU B 134 21.04 -24.02 0.02
C LEU B 134 20.96 -22.51 0.19
N ASP B 135 20.70 -21.82 -0.92
CA ASP B 135 20.38 -20.41 -0.89
C ASP B 135 18.93 -20.16 -0.44
N HIS B 136 18.49 -18.92 -0.16
CA HIS B 136 17.15 -18.72 0.36
C HIS B 136 16.08 -19.09 -0.65
N VAL B 137 16.26 -18.84 -1.96
CA VAL B 137 15.25 -19.24 -2.93
C VAL B 137 15.07 -20.77 -2.99
N ALA B 138 16.11 -21.63 -3.01
CA ALA B 138 15.96 -23.08 -3.00
C ALA B 138 15.40 -23.54 -1.68
N LEU B 139 15.63 -22.84 -0.60
CA LEU B 139 15.04 -23.23 0.67
C LEU B 139 13.54 -22.88 0.59
N MET B 140 13.11 -21.85 -0.15
CA MET B 140 11.72 -21.47 -0.22
C MET B 140 10.94 -22.42 -1.12
N GLU B 141 11.59 -22.74 -2.24
CA GLU B 141 11.17 -23.71 -3.24
C GLU B 141 10.99 -25.05 -2.59
N LYS B 142 12.02 -25.55 -1.94
CA LYS B 142 11.92 -26.81 -1.28
C LYS B 142 10.81 -26.91 -0.25
N ASN B 143 10.61 -25.93 0.61
CA ASN B 143 9.70 -26.15 1.71
C ASN B 143 8.33 -25.59 1.42
N GLY B 144 8.14 -25.02 0.24
CA GLY B 144 6.84 -24.48 -0.13
C GLY B 144 6.56 -23.25 0.68
N TRP B 145 7.55 -22.38 0.86
CA TRP B 145 7.34 -21.21 1.69
C TRP B 145 7.11 -19.94 0.90
N TRP B 146 7.09 -19.89 -0.41
CA TRP B 146 6.69 -18.66 -1.09
C TRP B 146 5.79 -19.00 -2.27
N GLU B 147 5.15 -18.06 -2.93
CA GLU B 147 4.24 -18.37 -3.99
C GLU B 147 4.71 -17.70 -5.25
N PRO B 148 5.37 -18.42 -6.18
CA PRO B 148 5.84 -17.86 -7.44
C PRO B 148 4.67 -17.45 -8.31
N ARG B 149 3.41 -17.88 -8.09
CA ARG B 149 2.35 -17.37 -8.96
C ARG B 149 2.14 -15.89 -8.74
N ILE B 150 2.62 -15.30 -7.63
CA ILE B 150 2.45 -13.88 -7.44
C ILE B 150 3.01 -13.10 -8.63
N SER B 151 4.02 -13.62 -9.31
CA SER B 151 4.65 -12.91 -10.38
C SER B 151 3.67 -12.65 -11.51
N GLN B 152 2.63 -13.47 -11.75
CA GLN B 152 1.77 -13.20 -12.87
C GLN B 152 0.66 -12.28 -12.46
N VAL B 153 0.30 -12.26 -11.20
CA VAL B 153 -0.68 -11.35 -10.65
C VAL B 153 -0.14 -9.91 -10.56
N SER B 154 1.01 -9.72 -9.92
CA SER B 154 1.55 -8.41 -9.54
C SER B 154 2.77 -7.92 -10.25
N GLY B 155 3.40 -8.79 -11.03
CA GLY B 155 4.56 -8.46 -11.81
C GLY B 155 5.81 -8.86 -11.06
N SER B 156 6.97 -8.45 -11.53
CA SER B 156 8.23 -8.82 -10.90
C SER B 156 8.52 -7.90 -9.74
N ARG B 157 9.56 -8.32 -9.03
CA ARG B 157 9.98 -7.72 -7.80
C ARG B 157 8.82 -7.73 -6.80
N SER B 158 8.20 -8.91 -6.68
CA SER B 158 7.05 -9.18 -5.84
C SER B 158 7.26 -10.50 -5.12
N TYR B 159 6.67 -10.70 -3.95
CA TYR B 159 6.86 -11.93 -3.20
C TYR B 159 5.56 -12.17 -2.49
N ALA B 160 5.25 -13.37 -2.13
CA ALA B 160 4.08 -13.69 -1.35
C ALA B 160 4.60 -14.88 -0.59
N LEU B 161 4.45 -15.01 0.73
CA LEU B 161 5.08 -16.06 1.53
C LEU B 161 3.95 -16.91 2.04
N LYS B 162 4.19 -18.15 2.48
CA LYS B 162 3.14 -19.10 2.78
C LYS B 162 3.51 -19.90 4.00
N GLY B 163 2.51 -20.37 4.71
CA GLY B 163 2.71 -21.24 5.85
C GLY B 163 3.58 -20.59 6.88
N ASP B 164 4.50 -21.34 7.47
CA ASP B 164 5.35 -20.88 8.54
C ASP B 164 6.21 -19.71 8.20
N LEU B 165 6.60 -19.51 6.95
CA LEU B 165 7.35 -18.33 6.65
C LEU B 165 6.43 -17.10 6.53
N ALA B 166 5.11 -17.24 6.35
CA ALA B 166 4.18 -16.11 6.31
C ALA B 166 4.09 -15.59 7.74
N LEU B 167 3.86 -16.49 8.69
CA LEU B 167 3.84 -16.28 10.11
C LEU B 167 5.16 -15.75 10.68
N TYR B 168 6.35 -16.26 10.35
CA TYR B 168 7.65 -15.76 10.77
C TYR B 168 7.80 -14.30 10.33
N GLU B 169 7.40 -13.88 9.14
CA GLU B 169 7.42 -12.50 8.71
C GLU B 169 6.67 -11.60 9.67
N LEU B 170 5.47 -11.98 10.08
CA LEU B 170 4.69 -11.22 11.04
C LEU B 170 5.31 -11.31 12.42
N ALA B 171 5.85 -12.41 12.85
CA ALA B 171 6.46 -12.55 14.17
C ALA B 171 7.66 -11.62 14.26
N LEU B 172 8.48 -11.47 13.21
CA LEU B 172 9.65 -10.65 13.25
C LEU B 172 9.33 -9.18 13.40
N LEU B 173 8.27 -8.69 12.74
CA LEU B 173 7.81 -7.32 12.81
C LEU B 173 7.26 -6.96 14.19
N ARG B 174 6.42 -7.80 14.77
CA ARG B 174 5.96 -7.59 16.12
C ARG B 174 7.15 -7.62 17.10
N PHE B 175 8.16 -8.50 16.93
CA PHE B 175 9.32 -8.59 17.74
C PHE B 175 10.06 -7.28 17.66
N ALA B 176 10.33 -6.71 16.49
CA ALA B 176 11.06 -5.48 16.34
C ALA B 176 10.34 -4.37 17.09
N MET B 177 9.05 -4.25 16.88
CA MET B 177 8.22 -3.26 17.52
C MET B 177 8.24 -3.46 19.05
N ASP B 178 8.11 -4.65 19.60
CA ASP B 178 8.25 -4.85 21.05
C ASP B 178 9.62 -4.55 21.61
N PHE B 179 10.69 -4.85 20.85
CA PHE B 179 12.04 -4.55 21.30
C PHE B 179 12.15 -3.02 21.37
N MET B 180 11.76 -2.28 20.33
CA MET B 180 11.82 -0.83 20.32
C MET B 180 11.02 -0.24 21.45
N ALA B 181 9.83 -0.76 21.75
CA ALA B 181 9.05 -0.29 22.89
C ALA B 181 9.80 -0.52 24.19
N ARG B 182 10.46 -1.64 24.50
CA ARG B 182 11.19 -1.71 25.75
C ARG B 182 12.48 -0.92 25.77
N ARG B 183 12.89 -0.24 24.68
CA ARG B 183 14.04 0.62 24.61
C ARG B 183 13.59 2.07 24.69
N GLY B 184 12.31 2.32 25.03
CA GLY B 184 11.84 3.68 25.17
C GLY B 184 11.39 4.42 23.92
N PHE B 185 11.20 3.79 22.75
CA PHE B 185 10.74 4.54 21.61
C PHE B 185 9.24 4.37 21.61
N LEU B 186 8.46 5.29 21.09
CA LEU B 186 7.04 5.19 21.16
C LEU B 186 6.59 4.42 19.93
N PRO B 187 5.89 3.30 20.08
CA PRO B 187 5.44 2.52 18.92
C PRO B 187 4.32 3.18 18.16
N MET B 188 4.37 3.27 16.84
CA MET B 188 3.29 3.89 16.09
C MET B 188 3.00 3.07 14.87
N THR B 189 1.76 2.79 14.49
CA THR B 189 1.53 2.08 13.24
C THR B 189 0.97 3.20 12.38
N LEU B 190 1.51 3.35 11.17
CA LEU B 190 1.35 4.48 10.29
C LEU B 190 0.83 4.16 8.89
N PRO B 191 0.27 5.11 8.14
CA PRO B 191 -0.01 4.92 6.73
C PRO B 191 1.24 4.85 5.87
N SER B 192 1.08 4.49 4.59
CA SER B 192 2.18 4.41 3.65
C SER B 192 2.01 5.38 2.51
N TYR B 193 1.21 6.46 2.68
CA TYR B 193 1.07 7.50 1.65
C TYR B 193 1.17 8.88 2.36
N ALA B 194 1.51 9.94 1.61
CA ALA B 194 1.66 11.25 2.16
C ALA B 194 1.65 12.20 1.01
N ARG B 195 1.38 13.48 1.33
CA ARG B 195 1.43 14.52 0.34
C ARG B 195 2.87 14.92 0.09
N GLU B 196 3.09 15.69 -0.95
CA GLU B 196 4.40 16.10 -1.41
C GLU B 196 5.33 16.71 -0.37
N LYS B 197 4.74 17.61 0.42
CA LYS B 197 5.41 18.31 1.49
C LYS B 197 6.16 17.33 2.37
N ALA B 198 5.61 16.16 2.73
CA ALA B 198 6.33 15.30 3.61
C ALA B 198 7.56 14.76 2.89
N PHE B 199 7.65 14.68 1.55
CA PHE B 199 8.78 14.12 0.81
C PHE B 199 9.91 15.09 0.65
N LEU B 200 9.48 16.31 0.49
CA LEU B 200 10.33 17.50 0.45
C LEU B 200 10.99 17.63 1.82
N GLY B 201 10.26 17.39 2.90
CA GLY B 201 10.76 17.55 4.25
C GLY B 201 11.91 16.66 4.62
N THR B 202 11.94 15.45 4.09
CA THR B 202 12.98 14.51 4.41
C THR B 202 14.10 14.64 3.41
N GLY B 203 13.83 15.15 2.21
CA GLY B 203 14.83 15.24 1.18
C GLY B 203 14.65 14.15 0.14
N HIS B 204 13.59 13.31 0.21
CA HIS B 204 13.34 12.31 -0.82
C HIS B 204 12.97 13.04 -2.09
N PHE B 205 12.30 14.18 -2.01
CA PHE B 205 12.11 15.00 -3.19
C PHE B 205 13.03 16.20 -2.96
N PRO B 206 13.67 16.82 -3.97
CA PRO B 206 13.65 16.36 -5.35
C PRO B 206 14.59 15.19 -5.69
N ALA B 207 15.73 15.00 -5.03
CA ALA B 207 16.73 14.03 -5.46
C ALA B 207 16.30 12.60 -5.73
N TYR B 208 15.42 12.06 -4.92
CA TYR B 208 15.06 10.68 -5.09
C TYR B 208 13.62 10.63 -5.56
N ARG B 209 13.15 11.52 -6.42
CA ARG B 209 11.76 11.51 -6.82
C ARG B 209 11.40 10.28 -7.63
N ASP B 210 12.33 9.81 -8.44
CA ASP B 210 12.04 8.68 -9.32
C ASP B 210 11.85 7.33 -8.62
N GLN B 211 12.28 7.30 -7.35
CA GLN B 211 12.16 6.14 -6.51
C GLN B 211 10.79 6.06 -5.84
N VAL B 212 9.86 6.97 -6.09
CA VAL B 212 8.63 7.01 -5.32
C VAL B 212 7.52 6.85 -6.34
N TRP B 213 6.57 5.98 -6.00
CA TRP B 213 5.36 5.73 -6.77
C TRP B 213 4.26 6.74 -6.48
N ALA B 214 3.69 7.43 -7.43
CA ALA B 214 2.62 8.35 -7.14
C ALA B 214 1.29 7.61 -7.15
N ILE B 215 0.25 7.99 -6.41
CA ILE B 215 -1.06 7.37 -6.50
C ILE B 215 -1.75 8.28 -7.50
N ALA B 216 -2.08 7.77 -8.69
CA ALA B 216 -2.67 8.55 -9.80
C ALA B 216 -4.00 9.23 -9.46
N GLU B 217 -4.15 10.48 -9.91
CA GLU B 217 -5.33 11.33 -9.69
C GLU B 217 -5.60 11.80 -8.25
N THR B 218 -4.51 11.85 -7.46
CA THR B 218 -4.56 12.34 -6.10
C THR B 218 -3.30 13.20 -6.00
N ASP B 219 -3.11 13.78 -4.83
CA ASP B 219 -1.89 14.52 -4.53
C ASP B 219 -1.09 13.72 -3.51
N LEU B 220 -1.23 12.38 -3.49
CA LEU B 220 -0.63 11.47 -2.53
C LEU B 220 0.43 10.66 -3.25
N TYR B 221 1.35 10.09 -2.51
CA TYR B 221 2.50 9.38 -3.02
C TYR B 221 2.71 8.29 -2.04
N LEU B 222 3.16 7.12 -2.50
CA LEU B 222 3.42 6.02 -1.58
C LEU B 222 4.81 6.24 -1.01
N THR B 223 4.95 6.01 0.29
CA THR B 223 6.16 6.34 0.98
C THR B 223 7.08 5.18 0.86
N GLY B 224 8.36 5.50 0.72
CA GLY B 224 9.40 4.46 0.67
C GLY B 224 9.86 4.05 2.05
N THR B 225 9.59 4.79 3.10
CA THR B 225 10.07 4.47 4.44
C THR B 225 9.11 5.21 5.36
N ALA B 226 8.81 4.72 6.56
CA ALA B 226 8.01 5.47 7.51
C ALA B 226 8.73 6.75 7.98
N GLU B 227 9.99 6.98 7.59
CA GLU B 227 10.71 8.17 7.89
C GLU B 227 9.95 9.33 7.27
N VAL B 228 9.43 9.23 6.05
CA VAL B 228 8.66 10.32 5.47
C VAL B 228 7.45 10.70 6.37
N VAL B 229 6.70 9.79 7.00
CA VAL B 229 5.58 10.21 7.80
C VAL B 229 6.04 10.70 9.18
N LEU B 230 6.94 10.02 9.83
CA LEU B 230 7.39 10.33 11.16
C LEU B 230 8.02 11.71 11.17
N ASN B 231 8.83 12.09 10.20
CA ASN B 231 9.44 13.43 10.17
C ASN B 231 8.44 14.56 9.90
N ALA B 232 7.25 14.30 9.35
CA ALA B 232 6.36 15.40 9.03
C ALA B 232 5.26 15.55 10.08
N LEU B 233 5.23 14.73 11.13
CA LEU B 233 4.18 14.84 12.09
C LEU B 233 4.25 16.21 12.75
N HIS B 234 5.44 16.81 12.91
CA HIS B 234 5.56 18.03 13.65
C HIS B 234 5.92 19.26 12.86
N SER B 235 5.69 19.33 11.55
CA SER B 235 5.91 20.57 10.85
C SER B 235 5.03 21.70 11.42
N GLY B 236 5.76 22.81 11.56
CA GLY B 236 5.20 24.08 11.93
C GLY B 236 4.88 24.12 13.41
N GLU B 237 5.31 23.15 14.16
CA GLU B 237 5.05 23.12 15.57
C GLU B 237 6.38 23.47 16.22
N ILE B 238 6.37 24.13 17.41
CA ILE B 238 7.59 24.43 18.13
C ILE B 238 7.52 23.51 19.33
N LEU B 239 8.38 22.51 19.41
CA LEU B 239 8.31 21.57 20.51
C LEU B 239 8.95 22.19 21.72
N PRO B 240 8.47 21.89 22.91
CA PRO B 240 9.09 22.29 24.12
C PRO B 240 10.34 21.50 24.35
N TYR B 241 11.35 22.19 24.90
CA TYR B 241 12.61 21.61 25.25
C TYR B 241 12.51 20.30 25.98
N GLU B 242 11.58 20.25 26.91
CA GLU B 242 11.48 19.10 27.78
C GLU B 242 10.93 17.84 27.08
N ALA B 243 10.34 18.00 25.87
CA ALA B 243 9.87 16.86 25.07
C ALA B 243 11.04 16.11 24.40
N LEU B 244 12.23 16.70 24.26
CA LEU B 244 13.33 16.19 23.50
C LEU B 244 14.16 15.17 24.25
N PRO B 245 14.77 14.15 23.63
CA PRO B 245 14.59 13.82 22.24
C PRO B 245 13.29 13.08 22.09
N LEU B 246 12.66 13.29 20.96
CA LEU B 246 11.44 12.60 20.56
C LEU B 246 11.96 11.28 19.98
N ARG B 247 11.51 10.13 20.48
CA ARG B 247 11.88 8.90 19.83
C ARG B 247 10.72 7.95 19.54
N TYR B 248 10.54 7.85 18.23
CA TYR B 248 9.43 7.17 17.57
C TYR B 248 9.85 5.85 16.91
N ALA B 249 9.16 4.75 17.08
CA ALA B 249 9.46 3.48 16.43
C ALA B 249 8.23 3.37 15.58
N GLY B 250 8.22 3.70 14.33
CA GLY B 250 6.99 3.60 13.58
C GLY B 250 6.97 2.47 12.57
N TYR B 251 5.92 1.66 12.48
CA TYR B 251 5.77 0.63 11.47
C TYR B 251 4.90 1.08 10.32
N ALA B 252 5.22 0.86 9.06
CA ALA B 252 4.28 1.05 7.96
C ALA B 252 4.77 0.13 6.82
N PRO B 253 3.88 -0.44 5.99
CA PRO B 253 4.19 -0.92 4.64
C PRO B 253 5.03 0.05 3.85
N ALA B 254 5.95 -0.39 2.98
CA ALA B 254 6.83 0.53 2.27
C ALA B 254 6.78 0.20 0.81
N PHE B 255 6.79 1.14 -0.12
CA PHE B 255 6.71 0.93 -1.55
C PHE B 255 7.86 1.65 -2.21
N ARG B 256 8.68 0.96 -2.99
CA ARG B 256 9.79 1.57 -3.68
C ARG B 256 9.60 1.31 -5.16
N SER B 257 9.69 2.27 -6.08
CA SER B 257 9.55 1.93 -7.48
C SER B 257 10.71 1.07 -7.98
N GLU B 258 11.90 1.19 -7.41
CA GLU B 258 13.15 0.53 -7.77
C GLU B 258 13.54 0.79 -9.23
N ALA B 259 13.33 2.05 -9.59
CA ALA B 259 13.77 2.58 -10.86
C ALA B 259 15.31 2.58 -10.86
N GLY B 260 15.91 2.17 -11.97
CA GLY B 260 17.35 2.15 -12.07
C GLY B 260 17.96 0.85 -11.56
N SER B 261 17.25 0.00 -10.80
CA SER B 261 17.78 -1.27 -10.35
C SER B 261 17.54 -2.28 -11.46
N PHE B 262 18.22 -2.12 -12.58
CA PHE B 262 18.05 -3.09 -13.63
C PHE B 262 18.93 -4.28 -13.24
N GLY B 263 18.29 -5.47 -13.19
CA GLY B 263 18.97 -6.75 -13.00
C GLY B 263 19.79 -6.88 -11.72
N LYS B 264 19.41 -6.01 -10.78
CA LYS B 264 20.06 -5.92 -9.50
C LYS B 264 19.07 -6.61 -8.60
N ASP B 265 19.55 -7.64 -7.92
CA ASP B 265 18.78 -8.43 -6.97
C ASP B 265 17.38 -8.78 -7.41
N VAL B 266 17.28 -9.15 -8.68
CA VAL B 266 16.00 -9.55 -9.26
C VAL B 266 15.45 -10.86 -8.72
N ARG B 267 16.34 -11.55 -7.98
CA ARG B 267 16.10 -12.89 -7.48
C ARG B 267 15.04 -13.19 -6.41
N GLY B 268 15.34 -13.08 -5.11
CA GLY B 268 14.36 -13.58 -4.16
C GLY B 268 13.72 -12.47 -3.37
N LEU B 269 14.06 -12.46 -2.08
CA LEU B 269 13.54 -11.52 -1.12
C LEU B 269 14.33 -10.24 -0.92
N MET B 270 15.36 -9.94 -1.69
CA MET B 270 16.26 -8.83 -1.41
C MET B 270 15.82 -7.46 -1.86
N ARG B 271 15.21 -7.32 -3.02
CA ARG B 271 14.86 -6.04 -3.55
C ARG B 271 13.49 -6.13 -4.19
N VAL B 272 12.47 -5.94 -3.36
CA VAL B 272 11.09 -5.94 -3.81
C VAL B 272 10.46 -4.55 -3.84
N HIS B 273 9.32 -4.40 -4.52
CA HIS B 273 8.51 -3.18 -4.55
C HIS B 273 7.79 -2.83 -3.27
N GLN B 274 7.35 -3.80 -2.49
CA GLN B 274 6.60 -3.49 -1.32
C GLN B 274 7.12 -4.40 -0.20
N PHE B 275 7.39 -3.87 0.96
CA PHE B 275 7.89 -4.66 2.04
C PHE B 275 7.40 -4.03 3.33
N HIS B 276 7.73 -4.56 4.47
CA HIS B 276 7.28 -4.00 5.70
C HIS B 276 8.50 -3.47 6.42
N LYS B 277 8.49 -2.29 7.06
CA LYS B 277 9.65 -1.85 7.82
C LYS B 277 9.27 -1.16 9.11
N VAL B 278 9.92 -1.51 10.21
CA VAL B 278 9.78 -0.79 11.45
C VAL B 278 10.98 0.16 11.42
N GLU B 279 10.70 1.46 11.62
CA GLU B 279 11.69 2.54 11.54
C GLU B 279 12.01 3.18 12.91
N GLN B 280 13.22 3.60 13.21
CA GLN B 280 13.59 4.28 14.47
C GLN B 280 13.78 5.73 14.08
N TYR B 281 13.09 6.74 14.61
CA TYR B 281 13.31 8.11 14.24
C TYR B 281 13.52 8.90 15.54
N VAL B 282 14.54 9.77 15.53
CA VAL B 282 14.85 10.58 16.68
C VAL B 282 14.91 12.02 16.23
N LEU B 283 14.25 12.89 16.99
CA LEU B 283 14.31 14.37 16.80
C LEU B 283 14.95 14.84 18.11
N THR B 284 16.04 15.60 18.07
CA THR B 284 16.74 15.99 19.31
C THR B 284 17.09 17.47 19.24
N GLU B 285 17.76 17.97 20.26
CA GLU B 285 18.18 19.38 20.22
C GLU B 285 19.33 19.67 19.26
N ALA B 286 19.62 20.93 18.92
CA ALA B 286 20.68 21.25 18.01
C ALA B 286 22.08 21.41 18.60
N SER B 287 22.55 20.26 19.12
CA SER B 287 23.94 20.07 19.46
C SER B 287 24.53 18.77 18.88
N LEU B 288 25.76 18.77 18.35
CA LEU B 288 26.42 17.55 17.95
C LEU B 288 26.51 16.55 19.08
N GLU B 289 26.74 16.94 20.32
CA GLU B 289 26.78 16.01 21.42
C GLU B 289 25.43 15.29 21.50
N ALA B 290 24.23 15.85 21.29
CA ALA B 290 22.96 15.11 21.33
C ALA B 290 22.76 14.27 20.03
N SER B 291 23.14 14.74 18.83
CA SER B 291 23.11 13.96 17.60
C SER B 291 23.98 12.71 17.79
N ASP B 292 25.22 12.81 18.24
CA ASP B 292 26.07 11.67 18.42
C ASP B 292 25.62 10.71 19.49
N ARG B 293 24.99 11.15 20.56
CA ARG B 293 24.49 10.21 21.56
C ARG B 293 23.29 9.48 20.95
N ALA B 294 22.44 10.11 20.12
CA ALA B 294 21.30 9.46 19.50
C ALA B 294 21.78 8.51 18.40
N PHE B 295 22.75 8.86 17.56
CA PHE B 295 23.31 7.99 16.52
C PHE B 295 23.82 6.70 17.18
N GLN B 296 24.65 6.81 18.19
CA GLN B 296 25.10 5.64 18.92
C GLN B 296 23.92 4.85 19.47
N GLU B 297 22.78 5.33 20.01
CA GLU B 297 21.79 4.37 20.46
C GLU B 297 20.96 3.77 19.34
N LEU B 298 20.79 4.48 18.25
CA LEU B 298 20.12 3.96 17.07
C LEU B 298 20.88 2.70 16.55
N LEU B 299 22.22 2.79 16.52
CA LEU B 299 23.07 1.73 16.06
C LEU B 299 23.04 0.60 17.05
N GLU B 300 23.06 0.86 18.34
CA GLU B 300 23.10 -0.23 19.30
C GLU B 300 21.81 -0.94 19.34
N ASN B 301 20.75 -0.23 19.02
CA ASN B 301 19.43 -0.82 18.96
C ASN B 301 19.37 -1.81 17.82
N ALA B 302 19.82 -1.45 16.61
CA ALA B 302 19.86 -2.39 15.52
C ALA B 302 20.91 -3.48 15.73
N GLU B 303 22.09 -3.25 16.33
CA GLU B 303 23.04 -4.34 16.63
C GLU B 303 22.42 -5.32 17.59
N GLU B 304 21.66 -4.81 18.56
CA GLU B 304 20.99 -5.70 19.50
C GLU B 304 19.88 -6.61 18.91
N ILE B 305 19.08 -6.11 17.94
CA ILE B 305 18.07 -6.85 17.20
C ILE B 305 18.80 -7.94 16.44
N LEU B 306 19.91 -7.64 15.76
CA LEU B 306 20.67 -8.61 15.03
C LEU B 306 21.27 -9.60 15.97
N ARG B 307 21.82 -9.23 17.13
CA ARG B 307 22.36 -10.26 18.04
C ARG B 307 21.25 -11.16 18.54
N LEU B 308 20.07 -10.67 18.88
CA LEU B 308 18.93 -11.50 19.27
C LEU B 308 18.49 -12.37 18.08
N LEU B 309 18.58 -11.89 16.85
CA LEU B 309 18.26 -12.64 15.66
C LEU B 309 19.34 -13.69 15.34
N GLU B 310 20.47 -13.65 16.05
CA GLU B 310 21.63 -14.47 15.95
C GLU B 310 22.21 -14.39 14.57
N LEU B 311 22.45 -13.19 14.05
CA LEU B 311 22.95 -13.02 12.72
C LEU B 311 24.34 -12.43 12.69
N PRO B 312 25.25 -12.77 11.75
CA PRO B 312 26.59 -12.21 11.69
C PRO B 312 26.51 -10.91 10.97
N TYR B 313 27.12 -9.84 11.46
CA TYR B 313 26.96 -8.53 10.81
C TYR B 313 28.25 -7.76 10.88
N ARG B 314 28.35 -6.71 10.13
CA ARG B 314 29.47 -5.81 10.23
C ARG B 314 28.96 -4.35 10.16
N LEU B 315 29.61 -3.31 10.70
CA LEU B 315 29.11 -1.98 10.46
C LEU B 315 29.99 -1.38 9.38
N VAL B 316 29.48 -0.49 8.53
CA VAL B 316 30.26 0.13 7.47
C VAL B 316 30.15 1.65 7.50
N GLU B 317 31.24 2.37 7.55
CA GLU B 317 31.21 3.80 7.50
C GLU B 317 31.01 4.15 6.04
N VAL B 318 29.96 4.94 5.73
CA VAL B 318 29.55 5.30 4.37
C VAL B 318 30.21 6.57 3.93
N ALA B 319 30.61 6.49 2.66
CA ALA B 319 31.45 7.50 2.07
C ALA B 319 30.63 8.66 1.62
N THR B 320 31.28 9.81 1.35
CA THR B 320 30.61 11.03 1.01
C THR B 320 29.74 10.91 -0.23
N GLY B 321 30.23 10.33 -1.30
CA GLY B 321 29.44 10.21 -2.52
C GLY B 321 28.32 9.21 -2.36
N ASP B 322 28.27 8.39 -1.30
CA ASP B 322 27.24 7.39 -1.16
C ASP B 322 26.25 7.68 -0.03
N MET B 323 26.48 8.65 0.85
CA MET B 323 25.52 8.93 1.93
C MET B 323 24.33 9.74 1.50
N GLY B 324 24.31 10.49 0.40
CA GLY B 324 23.11 11.26 0.03
C GLY B 324 23.27 12.73 0.38
N PRO B 325 22.54 13.70 -0.22
CA PRO B 325 22.71 15.13 0.04
C PRO B 325 22.57 15.54 1.51
N GLY B 326 21.58 15.07 2.26
CA GLY B 326 21.43 15.61 3.60
C GLY B 326 22.22 14.99 4.71
N LYS B 327 23.16 14.10 4.50
CA LYS B 327 23.66 13.37 5.65
C LYS B 327 24.92 14.01 6.17
N TRP B 328 25.07 14.00 7.47
CA TRP B 328 26.25 14.42 8.16
C TRP B 328 27.09 13.15 8.23
N ARG B 329 26.48 12.04 8.58
CA ARG B 329 27.18 10.78 8.79
C ARG B 329 26.21 9.65 8.49
N GLN B 330 26.70 8.54 7.95
CA GLN B 330 25.87 7.37 7.78
C GLN B 330 26.61 6.07 8.05
N VAL B 331 26.04 5.16 8.83
CA VAL B 331 26.66 3.88 9.03
C VAL B 331 25.62 2.82 8.66
N ASP B 332 25.95 1.96 7.71
CA ASP B 332 25.10 0.84 7.35
C ASP B 332 25.42 -0.41 8.16
N ILE B 333 24.44 -1.19 8.62
CA ILE B 333 24.72 -2.52 9.17
C ILE B 333 24.46 -3.54 8.05
N GLU B 334 25.38 -4.44 7.82
CA GLU B 334 25.29 -5.39 6.75
C GLU B 334 25.27 -6.79 7.28
N VAL B 335 24.47 -7.76 6.81
CA VAL B 335 24.47 -9.11 7.35
C VAL B 335 25.05 -10.07 6.28
N TYR B 336 25.72 -11.13 6.74
CA TYR B 336 26.32 -12.05 5.80
C TYR B 336 25.31 -12.97 5.11
N LEU B 337 25.30 -12.91 3.80
CA LEU B 337 24.43 -13.78 3.04
C LEU B 337 25.34 -14.87 2.46
N PRO B 338 25.46 -16.10 2.98
CA PRO B 338 26.25 -17.22 2.45
C PRO B 338 26.19 -17.46 0.94
N SER B 339 25.03 -17.42 0.28
CA SER B 339 24.92 -17.77 -1.14
C SER B 339 25.56 -16.76 -2.06
N GLU B 340 25.95 -15.64 -1.47
CA GLU B 340 26.56 -14.61 -2.27
C GLU B 340 27.99 -14.41 -1.76
N GLY B 341 28.46 -15.14 -0.71
CA GLY B 341 29.78 -14.95 -0.10
C GLY B 341 30.03 -13.48 0.29
N ARG B 342 29.01 -12.70 0.68
CA ARG B 342 29.23 -11.33 1.01
C ARG B 342 28.20 -10.78 1.95
N TYR B 343 28.49 -9.58 2.42
CA TYR B 343 27.64 -8.89 3.35
C TYR B 343 26.70 -8.06 2.49
N ARG B 344 25.44 -8.05 2.89
CA ARG B 344 24.42 -7.27 2.21
C ARG B 344 23.75 -6.35 3.21
N GLU B 345 23.50 -5.07 2.96
CA GLU B 345 22.90 -4.27 4.01
C GLU B 345 21.46 -4.57 4.39
N THR B 346 21.24 -4.50 5.70
CA THR B 346 19.93 -4.60 6.30
C THR B 346 19.45 -3.30 7.02
N HIS B 347 20.32 -2.32 7.32
CA HIS B 347 20.04 -1.13 8.11
C HIS B 347 20.87 0.07 7.66
N SER B 348 20.39 1.31 7.47
CA SER B 348 21.19 2.49 7.27
C SER B 348 20.85 3.46 8.38
N CYS B 349 21.88 3.94 9.09
CA CYS B 349 21.79 4.85 10.22
C CYS B 349 22.34 6.16 9.76
N SER B 350 21.51 7.19 9.84
CA SER B 350 21.86 8.49 9.36
C SER B 350 21.65 9.56 10.44
N ALA B 351 22.54 10.56 10.43
CA ALA B 351 22.39 11.75 11.27
C ALA B 351 22.31 12.86 10.24
N LEU B 352 21.31 13.75 10.27
CA LEU B 352 21.15 14.74 9.24
C LEU B 352 21.23 16.15 9.77
N LEU B 353 21.65 16.32 11.04
CA LEU B 353 21.71 17.61 11.70
C LEU B 353 20.41 18.37 11.46
N ASP B 354 20.38 19.55 10.90
CA ASP B 354 19.11 20.27 10.77
C ASP B 354 18.73 20.42 9.31
N TRP B 355 19.25 19.56 8.44
CA TRP B 355 18.97 19.73 7.03
C TRP B 355 17.52 19.38 6.72
N GLN B 356 16.94 18.41 7.43
CA GLN B 356 15.53 18.05 7.23
C GLN B 356 14.66 18.95 8.11
N ALA B 357 15.10 19.35 9.30
CA ALA B 357 14.35 20.31 10.11
C ALA B 357 14.14 21.66 9.42
N ARG B 358 15.07 22.09 8.61
CA ARG B 358 14.89 23.34 7.92
C ARG B 358 13.95 23.14 6.77
N ARG B 359 13.87 21.95 6.18
CA ARG B 359 12.99 21.71 5.05
C ARG B 359 11.58 21.49 5.57
N ALA B 360 11.43 20.68 6.61
CA ALA B 360 10.15 20.31 7.12
C ALA B 360 9.67 21.23 8.22
N ASN B 361 10.47 22.22 8.58
CA ASN B 361 10.14 23.21 9.61
C ASN B 361 9.92 22.60 10.98
N LEU B 362 10.97 21.95 11.51
CA LEU B 362 10.90 21.29 12.81
C LEU B 362 11.70 22.18 13.75
N ARG B 363 11.10 22.58 14.86
CA ARG B 363 11.75 23.56 15.68
C ARG B 363 11.37 23.36 17.10
N TYR B 364 12.17 23.85 18.02
CA TYR B 364 11.86 23.66 19.44
C TYR B 364 12.27 24.90 20.22
N ARG B 365 11.94 25.00 21.50
CA ARG B 365 12.30 26.12 22.35
C ARG B 365 13.38 25.58 23.23
N ASP B 366 14.50 26.24 23.11
CA ASP B 366 15.67 25.70 23.72
C ASP B 366 15.70 26.07 25.17
N PRO B 367 16.63 25.65 26.02
CA PRO B 367 16.63 25.96 27.46
C PRO B 367 16.69 27.46 27.82
N GLU B 368 17.06 28.35 26.90
CA GLU B 368 17.12 29.79 27.09
C GLU B 368 15.93 30.46 26.44
N GLY B 369 14.87 29.79 26.04
CA GLY B 369 13.74 30.45 25.42
C GLY B 369 13.99 30.84 23.99
N ARG B 370 15.08 30.37 23.42
CA ARG B 370 15.31 30.65 22.03
C ARG B 370 14.72 29.53 21.16
N VAL B 371 14.22 29.90 20.00
CA VAL B 371 13.61 28.93 19.11
C VAL B 371 14.61 28.45 18.07
N ARG B 372 14.78 27.13 17.91
CA ARG B 372 15.78 26.62 16.99
C ARG B 372 15.30 25.47 16.14
N TYR B 373 15.97 25.27 15.02
CA TYR B 373 15.72 24.05 14.25
C TYR B 373 16.26 22.84 14.96
N ALA B 374 15.46 21.76 15.09
CA ALA B 374 15.94 20.56 15.75
C ALA B 374 16.91 19.83 14.81
N TYR B 375 17.54 18.80 15.36
CA TYR B 375 18.41 17.91 14.63
C TYR B 375 17.64 16.57 14.45
N THR B 376 17.68 15.92 13.26
CA THR B 376 16.98 14.64 13.12
C THR B 376 17.93 13.53 12.75
N LEU B 377 17.55 12.28 13.02
CA LEU B 377 18.31 11.05 12.83
C LEU B 377 17.30 9.94 12.56
N ASN B 378 17.71 8.88 11.89
CA ASN B 378 16.82 7.74 11.68
C ASN B 378 17.65 6.50 11.43
N ASN B 379 17.14 5.33 11.79
CA ASN B 379 17.80 4.12 11.44
C ASN B 379 16.71 3.08 11.26
N THR B 380 16.93 2.09 10.40
CA THR B 380 16.06 0.94 10.25
C THR B 380 16.00 0.22 11.58
N ALA B 381 14.87 -0.34 12.06
CA ALA B 381 14.91 -1.25 13.19
C ALA B 381 14.93 -2.69 12.62
N LEU B 382 14.06 -3.02 11.64
CA LEU B 382 13.97 -4.34 11.03
C LEU B 382 13.07 -4.19 9.81
N ALA B 383 13.46 -4.57 8.59
CA ALA B 383 12.60 -4.54 7.43
C ALA B 383 12.44 -5.97 6.88
N THR B 384 11.22 -6.54 6.72
CA THR B 384 11.07 -7.85 6.07
C THR B 384 10.74 -7.57 4.60
N PRO B 385 10.98 -8.36 3.54
CA PRO B 385 11.45 -9.73 3.60
C PRO B 385 12.94 -9.89 3.53
N ARG B 386 13.73 -8.85 3.26
CA ARG B 386 15.16 -8.98 3.08
C ARG B 386 15.83 -9.62 4.25
N ILE B 387 15.58 -9.41 5.54
CA ILE B 387 16.33 -10.17 6.54
C ILE B 387 15.96 -11.61 6.50
N LEU B 388 14.81 -11.98 5.90
CA LEU B 388 14.41 -13.38 5.83
C LEU B 388 15.37 -14.14 4.90
N ALA B 389 15.95 -13.47 3.89
CA ALA B 389 16.99 -14.04 3.07
C ALA B 389 18.21 -14.43 3.94
N MET B 390 18.67 -13.59 4.90
CA MET B 390 19.83 -13.92 5.71
C MET B 390 19.48 -14.86 6.81
N LEU B 391 18.32 -14.76 7.41
CA LEU B 391 17.92 -15.74 8.41
C LEU B 391 17.76 -17.17 7.88
N LEU B 392 17.14 -17.38 6.71
CA LEU B 392 16.98 -18.69 6.10
C LEU B 392 18.35 -19.31 5.80
N GLU B 393 19.19 -18.60 5.08
CA GLU B 393 20.48 -19.12 4.74
C GLU B 393 21.40 -19.31 5.93
N ASN B 394 21.40 -18.49 7.00
CA ASN B 394 22.33 -18.72 8.09
C ASN B 394 21.74 -19.69 9.07
N HIS B 395 20.46 -19.99 9.05
CA HIS B 395 19.94 -20.84 10.11
C HIS B 395 19.39 -22.14 9.53
N GLN B 396 19.66 -22.44 8.26
CA GLN B 396 19.24 -23.71 7.68
C GLN B 396 19.85 -24.91 8.37
N LEU B 397 19.02 -25.94 8.47
CA LEU B 397 19.37 -27.21 9.05
C LEU B 397 19.68 -28.16 7.89
N GLN B 398 20.34 -29.31 8.13
CA GLN B 398 20.68 -30.28 7.06
C GLN B 398 19.45 -30.74 6.33
N ASP B 399 18.32 -31.03 7.00
CA ASP B 399 17.14 -31.44 6.25
C ASP B 399 16.46 -30.34 5.43
N GLY B 400 16.93 -29.07 5.41
CA GLY B 400 16.32 -27.98 4.63
C GLY B 400 15.29 -27.25 5.47
N ARG B 401 14.98 -27.68 6.69
CA ARG B 401 14.21 -26.88 7.61
C ARG B 401 15.10 -25.73 8.12
N VAL B 402 14.57 -24.74 8.84
CA VAL B 402 15.32 -23.59 9.29
C VAL B 402 15.06 -23.41 10.77
N ARG B 403 16.01 -23.15 11.69
CA ARG B 403 15.68 -22.98 13.10
C ARG B 403 15.29 -21.53 13.42
N VAL B 404 14.49 -21.23 14.47
CA VAL B 404 14.18 -19.84 14.71
C VAL B 404 15.04 -19.49 15.93
N PRO B 405 15.79 -18.39 15.88
CA PRO B 405 16.55 -17.91 17.01
C PRO B 405 15.80 -17.93 18.32
N GLN B 406 16.45 -18.24 19.44
CA GLN B 406 15.87 -18.25 20.79
C GLN B 406 14.92 -17.11 21.14
N ALA B 407 15.25 -15.87 20.78
CA ALA B 407 14.37 -14.75 21.07
C ALA B 407 13.09 -14.78 20.27
N LEU B 408 13.07 -15.51 19.14
CA LEU B 408 11.85 -15.53 18.38
C LEU B 408 10.93 -16.69 18.62
N ILE B 409 11.36 -17.62 19.46
CA ILE B 409 10.58 -18.79 19.77
C ILE B 409 9.30 -18.32 20.46
N PRO B 410 9.20 -17.47 21.48
CA PRO B 410 7.92 -16.99 22.03
C PRO B 410 6.98 -16.41 20.99
N TYR B 411 7.55 -15.76 19.98
CA TYR B 411 6.79 -15.17 18.91
C TYR B 411 6.32 -16.18 17.89
N MET B 412 6.94 -17.37 17.74
CA MET B 412 6.50 -18.33 16.74
C MET B 412 5.76 -19.51 17.32
N GLY B 413 6.04 -19.89 18.55
CA GLY B 413 5.43 -21.11 19.09
C GLY B 413 6.26 -22.36 18.76
N LYS B 414 7.33 -22.21 18.02
CA LYS B 414 8.11 -23.35 17.61
C LYS B 414 9.51 -22.88 17.41
N GLU B 415 10.31 -23.92 17.51
CA GLU B 415 11.72 -23.79 17.37
C GLU B 415 12.18 -24.05 15.97
N VAL B 416 11.42 -24.61 15.05
CA VAL B 416 11.89 -24.90 13.69
C VAL B 416 10.78 -24.54 12.71
N LEU B 417 11.14 -24.00 11.55
CA LEU B 417 10.20 -23.71 10.51
C LEU B 417 10.03 -24.98 9.72
N GLU B 418 8.77 -25.28 9.52
CA GLU B 418 8.33 -26.52 8.95
C GLU B 418 7.89 -26.35 7.49
N PRO B 419 8.11 -27.35 6.61
CA PRO B 419 7.62 -27.32 5.23
C PRO B 419 6.12 -27.22 5.23
N CYS B 420 5.62 -26.47 4.25
CA CYS B 420 4.20 -26.22 4.07
C CYS B 420 3.78 -27.25 3.04
N GLY B 421 3.06 -28.23 3.58
CA GLY B 421 2.50 -29.34 2.83
C GLY B 421 1.55 -30.11 3.73
N10 SSA C . -13.18 -9.53 0.39
CA SSA C . -14.39 -9.25 1.10
CB SSA C . -14.37 -9.84 2.50
OG SSA C . -13.29 -9.35 3.32
C9 SSA C . -14.37 -7.75 1.18
O9 SSA C . -13.37 -7.09 0.90
N8 SSA C . -15.49 -7.27 1.64
S1 SSA C . -15.69 -5.77 2.16
O1S SSA C . -15.65 -4.88 1.03
O2S SSA C . -16.99 -5.77 2.78
O5' SSA C . -14.69 -5.42 3.29
C5' SSA C . -14.56 -6.34 4.40
C4' SSA C . -14.12 -5.57 5.66
O4' SSA C . -13.00 -4.65 5.53
C3' SSA C . -15.26 -4.67 6.09
O3' SSA C . -16.22 -5.54 6.70
C2' SSA C . -14.61 -3.75 7.08
O2' SSA C . -14.31 -4.49 8.28
C1' SSA C . -13.30 -3.49 6.34
N9 SSA C . -13.34 -2.21 5.56
C8 SSA C . -13.75 -1.97 4.27
N7 SSA C . -13.53 -0.76 3.85
C5 SSA C . -12.83 -0.17 4.90
C6 SSA C . -12.26 1.10 5.06
N6 SSA C . -12.18 1.98 4.10
N1 SSA C . -11.77 1.40 6.26
C2 SSA C . -11.77 0.49 7.23
N3 SSA C . -12.18 -0.77 7.18
C4 SSA C . -12.77 -1.02 5.96
N10 SSA D . 14.72 5.35 6.75
CA SSA D . 16.02 4.93 6.32
CB SSA D . 16.62 4.02 7.35
OG SSA D . 15.62 3.07 7.63
C9 SSA D . 15.85 4.21 5.02
O9 SSA D . 14.77 4.25 4.40
N8 SSA D . 16.96 3.55 4.70
S1 SSA D . 17.13 2.62 3.44
O1S SSA D . 16.87 3.36 2.27
O2S SSA D . 18.45 2.13 3.25
O5' SSA D . 16.22 1.40 3.61
C5' SSA D . 16.38 0.81 4.90
C4' SSA D . 16.30 -0.72 4.81
O4' SSA D . 15.12 -1.14 4.19
C3' SSA D . 17.42 -1.38 4.01
O3' SSA D . 18.50 -1.68 4.92
C2' SSA D . 16.81 -2.68 3.63
O2' SSA D . 16.77 -3.56 4.71
C1' SSA D . 15.38 -2.33 3.45
N9 SSA D . 15.02 -2.13 2.04
C8 SSA D . 15.20 -1.01 1.26
N7 SSA D . 14.88 -1.17 0.00
C5 SSA D . 14.35 -2.47 -0.01
C6 SSA D . 13.65 -3.19 -1.02
N6 SSA D . 13.23 -2.60 -2.14
N1 SSA D . 13.27 -4.46 -0.69
C2 SSA D . 13.46 -4.94 0.55
N3 SSA D . 14.02 -4.32 1.61
C4 SSA D . 14.47 -3.08 1.23
#